data_8QW2
#
_entry.id   8QW2
#
_cell.length_a   106.532
_cell.length_b   115.991
_cell.length_c   83.842
_cell.angle_alpha   90.000
_cell.angle_beta   93.281
_cell.angle_gamma   90.000
#
_symmetry.space_group_name_H-M   'C 1 2 1'
#
loop_
_entity.id
_entity.type
_entity.pdbx_description
1 polymer 'Nucleoside diphosphate kinase 3'
2 non-polymer "URIDINE-5'-DIPHOSPHATE"
3 non-polymer 'MAGNESIUM ION'
4 water water
#
_entity_poly.entity_id   1
_entity_poly.type   'polypeptide(L)'
_entity_poly.pdbx_seq_one_letter_code
;GHMTGAHERTFLAVKPDGVQRRLVGEIVRRFERKGFKLVALKLVQASEELLREHYAELRERPFYGRLVKYMASGPVVAMV
WQGLDVVRTSRALIGATNPADAPPGTIRGDFCIEVGKNLIHGSDSVESARREIALWFRADELLCWEDSAGHWLYE
;
_entity_poly.pdbx_strand_id   A,B,C,D,E,F
#
# COMPACT_ATOMS: atom_id res chain seq x y z
N THR A 4 5.58 -18.14 -27.84
CA THR A 4 5.56 -19.49 -27.20
C THR A 4 4.38 -19.57 -26.21
N GLY A 5 3.24 -18.96 -26.60
CA GLY A 5 2.05 -18.80 -25.76
C GLY A 5 2.40 -18.21 -24.39
N ALA A 6 2.30 -19.05 -23.35
CA ALA A 6 2.60 -18.70 -21.97
C ALA A 6 4.10 -18.58 -21.72
N HIS A 7 4.92 -19.02 -22.70
CA HIS A 7 6.37 -18.90 -22.64
C HIS A 7 6.85 -17.61 -23.33
N GLU A 8 5.95 -16.78 -23.89
CA GLU A 8 6.37 -15.48 -24.41
C GLU A 8 7.16 -14.70 -23.36
N ARG A 9 8.17 -13.93 -23.82
CA ARG A 9 9.01 -13.14 -22.92
C ARG A 9 9.14 -11.71 -23.39
N THR A 10 9.33 -10.77 -22.45
CA THR A 10 9.60 -9.39 -22.81
C THR A 10 10.81 -8.88 -22.02
N PHE A 11 11.43 -7.84 -22.56
CA PHE A 11 12.53 -7.16 -21.89
C PHE A 11 12.02 -5.83 -21.34
N LEU A 12 12.26 -5.63 -20.06
CA LEU A 12 11.96 -4.36 -19.38
C LEU A 12 13.22 -3.83 -18.74
N ALA A 13 13.36 -2.51 -18.72
CA ALA A 13 14.44 -1.87 -17.98
C ALA A 13 13.91 -0.68 -17.20
N VAL A 14 14.21 -0.64 -15.91
CA VAL A 14 13.99 0.55 -15.12
C VAL A 14 15.11 1.52 -15.48
N LYS A 15 14.73 2.70 -15.96
CA LYS A 15 15.68 3.71 -16.41
C LYS A 15 16.31 4.37 -15.20
N PRO A 16 17.36 5.19 -15.36
CA PRO A 16 18.05 5.80 -14.22
C PRO A 16 17.15 6.55 -13.25
N ASP A 17 16.11 7.23 -13.79
CA ASP A 17 15.17 8.00 -12.98
C ASP A 17 14.39 7.05 -12.06
N GLY A 18 14.11 5.82 -12.53
CA GLY A 18 13.37 4.88 -11.69
C GLY A 18 14.20 4.43 -10.50
N VAL A 19 15.51 4.26 -10.72
CA VAL A 19 16.41 3.86 -9.65
C VAL A 19 16.57 5.02 -8.68
N GLN A 20 16.85 6.22 -9.20
CA GLN A 20 17.09 7.40 -8.39
C GLN A 20 15.86 7.76 -7.57
N ARG A 21 14.67 7.60 -8.12
CA ARG A 21 13.45 7.90 -7.36
C ARG A 21 13.00 6.72 -6.49
N ARG A 22 13.78 5.63 -6.42
CA ARG A 22 13.49 4.52 -5.53
C ARG A 22 12.18 3.81 -5.88
N LEU A 23 11.92 3.58 -7.17
CA LEU A 23 10.71 2.93 -7.61
C LEU A 23 10.96 1.52 -8.17
N VAL A 24 12.14 0.94 -7.95
CA VAL A 24 12.42 -0.39 -8.52
C VAL A 24 11.47 -1.44 -7.91
N GLY A 25 11.39 -1.51 -6.57
CA GLY A 25 10.47 -2.40 -5.87
C GLY A 25 9.04 -2.25 -6.35
N GLU A 26 8.59 -1.00 -6.41
CA GLU A 26 7.23 -0.69 -6.82
C GLU A 26 6.96 -1.26 -8.21
N ILE A 27 7.91 -1.09 -9.12
CA ILE A 27 7.73 -1.55 -10.49
C ILE A 27 7.71 -3.07 -10.53
N VAL A 28 8.68 -3.70 -9.87
CA VAL A 28 8.75 -5.16 -9.90
C VAL A 28 7.46 -5.75 -9.31
N ARG A 29 6.99 -5.13 -8.21
CA ARG A 29 5.80 -5.60 -7.52
C ARG A 29 4.59 -5.60 -8.44
N ARG A 30 4.48 -4.61 -9.31
CA ARG A 30 3.35 -4.60 -10.24
C ARG A 30 3.33 -5.78 -11.23
N PHE A 31 4.50 -6.17 -11.73
CA PHE A 31 4.58 -7.32 -12.62
C PHE A 31 4.37 -8.61 -11.84
N GLU A 32 4.89 -8.68 -10.61
CA GLU A 32 4.70 -9.85 -9.77
C GLU A 32 3.23 -10.06 -9.46
N ARG A 33 2.53 -8.98 -9.12
CA ARG A 33 1.17 -9.16 -8.63
C ARG A 33 0.27 -9.49 -9.85
N LYS A 34 0.70 -9.07 -11.05
CA LYS A 34 -0.07 -9.37 -12.25
C LYS A 34 -0.01 -10.87 -12.59
N GLY A 35 1.04 -11.56 -12.12
CA GLY A 35 1.17 -12.99 -12.37
C GLY A 35 2.35 -13.35 -13.30
N PHE A 36 3.10 -12.39 -13.81
CA PHE A 36 4.18 -12.74 -14.71
C PHE A 36 5.35 -13.35 -13.95
N LYS A 37 6.14 -14.14 -14.68
CA LYS A 37 7.27 -14.86 -14.10
C LYS A 37 8.57 -14.12 -14.41
N LEU A 38 9.33 -13.79 -13.36
CA LEU A 38 10.62 -13.14 -13.51
C LEU A 38 11.65 -14.19 -13.88
N VAL A 39 12.25 -14.06 -15.07
CA VAL A 39 13.21 -15.06 -15.53
C VAL A 39 14.64 -14.49 -15.67
N ALA A 40 14.80 -13.15 -15.59
CA ALA A 40 16.14 -12.57 -15.49
C ALA A 40 16.07 -11.18 -14.89
N LEU A 41 17.14 -10.79 -14.20
CA LEU A 41 17.19 -9.52 -13.48
C LEU A 41 18.65 -9.18 -13.23
N LYS A 42 19.04 -7.94 -13.51
CA LYS A 42 20.32 -7.45 -13.03
C LYS A 42 20.37 -5.93 -13.06
N LEU A 43 21.13 -5.39 -12.12
CA LEU A 43 21.47 -3.98 -12.12
C LEU A 43 22.77 -3.84 -12.91
N VAL A 44 22.74 -3.01 -13.95
CA VAL A 44 23.89 -2.75 -14.80
C VAL A 44 24.01 -1.27 -15.10
N GLN A 45 25.24 -0.91 -15.46
CA GLN A 45 25.55 0.36 -16.08
C GLN A 45 25.77 0.08 -17.56
N ALA A 46 24.83 0.42 -18.44
CA ALA A 46 24.95 0.01 -19.83
C ALA A 46 25.93 0.94 -20.57
N SER A 47 26.75 0.36 -21.46
CA SER A 47 27.65 1.12 -22.29
C SER A 47 26.88 1.85 -23.38
N GLU A 48 27.48 2.93 -23.89
CA GLU A 48 26.92 3.64 -25.02
C GLU A 48 26.84 2.70 -26.23
N GLU A 49 27.85 1.83 -26.39
CA GLU A 49 27.86 0.89 -27.50
C GLU A 49 26.61 -0.01 -27.46
N LEU A 50 26.31 -0.60 -26.30
CA LEU A 50 25.12 -1.42 -26.18
C LEU A 50 23.85 -0.61 -26.42
N LEU A 51 23.81 0.61 -25.88
CA LEU A 51 22.60 1.40 -26.00
C LEU A 51 22.35 1.84 -27.43
N ARG A 52 23.41 2.12 -28.20
CA ARG A 52 23.26 2.54 -29.58
CA ARG A 52 23.25 2.54 -29.58
C ARG A 52 22.62 1.42 -30.40
N GLU A 53 22.94 0.17 -30.06
CA GLU A 53 22.31 -0.99 -30.71
C GLU A 53 20.88 -1.20 -30.18
N HIS A 54 20.71 -1.08 -28.86
CA HIS A 54 19.38 -1.17 -28.28
C HIS A 54 18.41 -0.24 -29.01
N TYR A 55 18.86 1.00 -29.27
CA TYR A 55 18.00 2.01 -29.86
C TYR A 55 18.34 2.25 -31.32
N ALA A 56 18.83 1.22 -32.03
CA ALA A 56 19.25 1.37 -33.42
C ALA A 56 18.14 1.99 -34.28
N GLU A 57 16.88 1.58 -34.03
CA GLU A 57 15.77 2.01 -34.87
C GLU A 57 15.50 3.50 -34.67
N LEU A 58 16.03 4.10 -33.62
CA LEU A 58 15.76 5.49 -33.31
C LEU A 58 16.93 6.39 -33.71
N ARG A 59 17.88 5.88 -34.50
CA ARG A 59 19.15 6.54 -34.78
C ARG A 59 18.95 7.89 -35.47
N GLU A 60 17.90 8.01 -36.31
CA GLU A 60 17.66 9.20 -37.11
C GLU A 60 16.86 10.24 -36.32
N ARG A 61 16.45 9.94 -35.08
CA ARG A 61 15.58 10.82 -34.32
C ARG A 61 16.41 11.87 -33.58
N PRO A 62 15.87 13.08 -33.34
CA PRO A 62 16.67 14.16 -32.77
C PRO A 62 17.03 13.95 -31.30
N PHE A 63 16.27 13.11 -30.59
CA PHE A 63 16.53 12.83 -29.18
C PHE A 63 17.51 11.65 -29.00
N TYR A 64 17.93 10.99 -30.08
CA TYR A 64 18.72 9.75 -29.99
C TYR A 64 19.98 9.94 -29.15
N GLY A 65 20.79 10.93 -29.51
CA GLY A 65 22.01 11.25 -28.78
C GLY A 65 21.78 11.44 -27.29
N ARG A 66 20.77 12.24 -26.91
CA ARG A 66 20.53 12.51 -25.50
C ARG A 66 19.94 11.29 -24.82
N LEU A 67 19.11 10.53 -25.53
CA LEU A 67 18.55 9.30 -24.99
C LEU A 67 19.66 8.30 -24.63
N VAL A 68 20.60 8.11 -25.56
CA VAL A 68 21.72 7.20 -25.35
C VAL A 68 22.54 7.68 -24.16
N LYS A 69 22.87 8.99 -24.12
CA LYS A 69 23.70 9.54 -23.06
C LYS A 69 22.99 9.37 -21.72
N TYR A 70 21.70 9.67 -21.69
CA TYR A 70 20.95 9.57 -20.46
C TYR A 70 20.95 8.12 -19.95
N MET A 71 20.63 7.18 -20.83
CA MET A 71 20.53 5.77 -20.42
C MET A 71 21.88 5.21 -19.97
N ALA A 72 22.97 5.83 -20.43
CA ALA A 72 24.31 5.44 -20.02
C ALA A 72 24.74 6.18 -18.76
N SER A 73 23.93 7.12 -18.26
CA SER A 73 24.41 8.08 -17.27
C SER A 73 24.37 7.49 -15.86
N GLY A 74 23.64 6.40 -15.67
CA GLY A 74 23.44 5.87 -14.33
C GLY A 74 22.92 4.43 -14.41
N PRO A 75 22.78 3.72 -13.29
CA PRO A 75 22.35 2.32 -13.33
C PRO A 75 20.95 2.17 -13.88
N VAL A 76 20.76 1.08 -14.63
CA VAL A 76 19.44 0.60 -14.98
C VAL A 76 19.24 -0.80 -14.42
N VAL A 77 17.96 -1.15 -14.22
CA VAL A 77 17.60 -2.50 -13.81
C VAL A 77 17.00 -3.20 -15.03
N ALA A 78 17.75 -4.16 -15.57
CA ALA A 78 17.35 -4.93 -16.73
C ALA A 78 16.61 -6.18 -16.25
N MET A 79 15.56 -6.58 -16.97
CA MET A 79 14.68 -7.64 -16.55
C MET A 79 14.09 -8.34 -17.75
N VAL A 80 13.76 -9.63 -17.55
CA VAL A 80 12.97 -10.39 -18.47
C VAL A 80 11.81 -11.02 -17.71
N TRP A 81 10.61 -10.88 -18.26
CA TRP A 81 9.37 -11.38 -17.71
C TRP A 81 8.72 -12.33 -18.70
N GLN A 82 8.10 -13.39 -18.16
CA GLN A 82 7.50 -14.41 -18.97
C GLN A 82 6.02 -14.60 -18.62
N GLY A 83 5.19 -14.75 -19.66
CA GLY A 83 3.81 -15.14 -19.52
C GLY A 83 3.03 -14.86 -20.81
N LEU A 84 1.76 -15.30 -20.80
CA LEU A 84 0.87 -15.13 -21.93
C LEU A 84 0.73 -13.65 -22.25
N ASP A 85 1.02 -13.29 -23.50
CA ASP A 85 0.79 -11.94 -23.99
C ASP A 85 1.58 -10.91 -23.19
N VAL A 86 2.72 -11.34 -22.62
CA VAL A 86 3.47 -10.49 -21.72
C VAL A 86 3.96 -9.19 -22.39
N VAL A 87 4.28 -9.20 -23.69
CA VAL A 87 4.80 -8.01 -24.35
C VAL A 87 3.71 -6.94 -24.40
N ARG A 88 2.56 -7.28 -24.96
CA ARG A 88 1.45 -6.36 -25.10
C ARG A 88 0.95 -5.90 -23.73
N THR A 89 0.82 -6.83 -22.78
CA THR A 89 0.26 -6.53 -21.47
C THR A 89 1.22 -5.64 -20.67
N SER A 90 2.52 -5.93 -20.73
CA SER A 90 3.53 -5.08 -20.14
C SER A 90 3.41 -3.63 -20.60
N ARG A 91 3.18 -3.44 -21.90
CA ARG A 91 3.08 -2.11 -22.45
C ARG A 91 1.85 -1.43 -21.85
N ALA A 92 0.75 -2.17 -21.69
CA ALA A 92 -0.44 -1.62 -21.08
C ALA A 92 -0.20 -1.24 -19.62
N LEU A 93 0.52 -2.06 -18.86
CA LEU A 93 0.76 -1.76 -17.47
C LEU A 93 1.63 -0.53 -17.33
N ILE A 94 2.59 -0.38 -18.26
CA ILE A 94 3.52 0.74 -18.23
C ILE A 94 2.80 2.04 -18.59
N GLY A 95 1.97 1.98 -19.63
CA GLY A 95 1.26 3.14 -20.12
C GLY A 95 1.97 3.78 -21.31
N ALA A 96 1.28 4.72 -21.95
CA ALA A 96 1.78 5.40 -23.14
C ALA A 96 3.17 5.99 -22.93
N THR A 97 3.92 6.09 -24.03
CA THR A 97 5.29 6.61 -24.02
C THR A 97 5.33 7.95 -23.33
N ASN A 98 4.47 8.83 -23.79
CA ASN A 98 4.31 10.13 -23.17
C ASN A 98 3.38 10.02 -21.95
N PRO A 99 3.88 10.24 -20.73
CA PRO A 99 3.07 10.07 -19.54
C PRO A 99 1.81 10.91 -19.53
N ALA A 100 1.79 12.01 -20.30
CA ALA A 100 0.60 12.83 -20.41
C ALA A 100 -0.57 12.05 -20.99
N ASP A 101 -0.30 11.00 -21.77
CA ASP A 101 -1.34 10.20 -22.39
C ASP A 101 -1.57 8.89 -21.64
N ALA A 102 -0.86 8.66 -20.55
CA ALA A 102 -0.95 7.43 -19.80
C ALA A 102 -1.97 7.59 -18.67
N PRO A 103 -3.08 6.84 -18.64
CA PRO A 103 -4.06 7.03 -17.58
C PRO A 103 -3.54 6.61 -16.20
N PRO A 104 -4.14 7.18 -15.14
CA PRO A 104 -3.92 6.71 -13.79
C PRO A 104 -4.19 5.20 -13.71
N GLY A 105 -3.40 4.51 -12.88
CA GLY A 105 -3.38 3.05 -12.82
C GLY A 105 -2.18 2.43 -13.53
N THR A 106 -1.69 3.09 -14.60
CA THR A 106 -0.45 2.71 -15.25
C THR A 106 0.76 3.24 -14.48
N ILE A 107 1.92 2.65 -14.75
CA ILE A 107 3.12 3.07 -14.06
C ILE A 107 3.41 4.53 -14.40
N ARG A 108 3.35 4.90 -15.68
CA ARG A 108 3.70 6.27 -16.05
C ARG A 108 2.58 7.22 -15.67
N GLY A 109 1.34 6.74 -15.74
CA GLY A 109 0.18 7.51 -15.34
C GLY A 109 0.24 7.90 -13.86
N ASP A 110 0.76 7.00 -13.03
CA ASP A 110 0.85 7.24 -11.60
C ASP A 110 2.10 7.99 -11.16
N PHE A 111 3.22 7.82 -11.88
CA PHE A 111 4.54 8.17 -11.35
C PHE A 111 5.30 9.20 -12.19
N CYS A 112 4.88 9.53 -13.41
CA CYS A 112 5.70 10.37 -14.27
C CYS A 112 4.93 11.48 -14.94
N ILE A 113 5.72 12.45 -15.42
CA ILE A 113 5.20 13.65 -16.03
C ILE A 113 5.69 13.78 -17.47
N GLU A 114 6.99 13.58 -17.72
CA GLU A 114 7.55 13.97 -18.99
C GLU A 114 8.14 12.78 -19.74
N VAL A 115 8.11 12.85 -21.07
CA VAL A 115 8.45 11.73 -21.94
C VAL A 115 9.90 11.29 -21.74
N GLY A 116 10.79 12.23 -21.42
CA GLY A 116 12.21 11.92 -21.29
C GLY A 116 12.54 11.30 -19.94
N LYS A 117 11.60 11.38 -19.02
CA LYS A 117 11.76 10.83 -17.69
C LYS A 117 10.54 9.97 -17.37
N ASN A 118 10.46 8.84 -18.08
CA ASN A 118 9.26 8.01 -18.07
C ASN A 118 9.55 6.61 -17.54
N LEU A 119 10.62 6.52 -16.73
CA LEU A 119 10.85 5.51 -15.69
C LEU A 119 11.34 4.17 -16.23
N ILE A 120 10.82 3.74 -17.38
CA ILE A 120 10.96 2.34 -17.75
C ILE A 120 10.97 2.20 -19.28
N HIS A 121 11.67 1.18 -19.79
CA HIS A 121 11.58 0.74 -21.17
C HIS A 121 10.92 -0.62 -21.21
N GLY A 122 10.03 -0.85 -22.18
CA GLY A 122 9.51 -2.19 -22.46
C GLY A 122 9.53 -2.48 -23.95
N SER A 123 9.88 -3.72 -24.33
CA SER A 123 9.88 -4.11 -25.74
C SER A 123 8.52 -3.81 -26.34
N ASP A 124 8.50 -3.44 -27.63
CA ASP A 124 7.25 -3.05 -28.27
C ASP A 124 6.63 -4.17 -29.11
N SER A 125 7.29 -5.33 -29.21
CA SER A 125 6.80 -6.46 -29.99
C SER A 125 7.57 -7.71 -29.57
N VAL A 126 7.04 -8.88 -29.96
CA VAL A 126 7.70 -10.14 -29.66
C VAL A 126 9.08 -10.14 -30.34
N GLU A 127 9.16 -9.63 -31.56
CA GLU A 127 10.42 -9.59 -32.29
C GLU A 127 11.43 -8.65 -31.60
N SER A 128 10.98 -7.47 -31.18
CA SER A 128 11.84 -6.54 -30.45
C SER A 128 12.33 -7.17 -29.15
N ALA A 129 11.45 -7.90 -28.46
CA ALA A 129 11.82 -8.51 -27.20
C ALA A 129 12.90 -9.56 -27.40
N ARG A 130 12.74 -10.40 -28.43
CA ARG A 130 13.76 -11.39 -28.74
C ARG A 130 15.12 -10.72 -28.92
N ARG A 131 15.17 -9.64 -29.69
CA ARG A 131 16.42 -8.95 -29.95
C ARG A 131 16.99 -8.38 -28.66
N GLU A 132 16.14 -7.71 -27.88
CA GLU A 132 16.60 -6.98 -26.71
C GLU A 132 17.07 -7.96 -25.64
N ILE A 133 16.34 -9.07 -25.49
CA ILE A 133 16.74 -10.06 -24.50
C ILE A 133 18.15 -10.59 -24.81
N ALA A 134 18.39 -10.91 -26.08
CA ALA A 134 19.68 -11.44 -26.52
C ALA A 134 20.79 -10.39 -26.39
N LEU A 135 20.45 -9.12 -26.59
CA LEU A 135 21.42 -8.06 -26.53
C LEU A 135 21.85 -7.80 -25.08
N TRP A 136 20.91 -7.89 -24.13
CA TRP A 136 21.20 -7.50 -22.76
C TRP A 136 21.62 -8.66 -21.86
N PHE A 137 21.21 -9.88 -22.20
CA PHE A 137 21.46 -11.03 -21.35
C PHE A 137 22.06 -12.18 -22.15
N ARG A 138 22.98 -12.91 -21.52
CA ARG A 138 23.42 -14.21 -21.99
C ARG A 138 22.33 -15.25 -21.71
N ALA A 139 22.38 -16.34 -22.48
CA ALA A 139 21.47 -17.47 -22.31
C ALA A 139 21.48 -17.97 -20.86
N ASP A 140 22.66 -17.99 -20.23
CA ASP A 140 22.77 -18.58 -18.91
C ASP A 140 22.31 -17.62 -17.81
N GLU A 141 21.84 -16.41 -18.17
CA GLU A 141 21.23 -15.52 -17.20
C GLU A 141 19.70 -15.64 -17.20
N LEU A 142 19.15 -16.35 -18.20
CA LEU A 142 17.70 -16.56 -18.27
C LEU A 142 17.35 -17.85 -17.57
N LEU A 143 16.58 -17.80 -16.49
CA LEU A 143 16.39 -18.98 -15.66
C LEU A 143 15.04 -19.65 -15.94
N CYS A 144 15.04 -20.98 -16.07
CA CYS A 144 13.84 -21.79 -16.00
C CYS A 144 13.64 -22.16 -14.53
N TRP A 145 12.48 -21.84 -14.00
CA TRP A 145 12.15 -22.37 -12.70
C TRP A 145 10.70 -22.80 -12.70
N GLU A 146 10.39 -23.79 -11.86
CA GLU A 146 9.05 -24.35 -11.80
C GLU A 146 8.18 -23.40 -10.97
N ASP A 147 7.22 -22.76 -11.62
CA ASP A 147 6.43 -21.71 -11.01
C ASP A 147 5.16 -22.30 -10.39
N SER A 148 5.16 -22.47 -9.07
CA SER A 148 4.01 -23.02 -8.37
C SER A 148 2.77 -22.10 -8.43
N ALA A 149 2.93 -20.81 -8.78
CA ALA A 149 1.78 -19.93 -8.92
C ALA A 149 1.03 -20.18 -10.23
N GLY A 150 1.73 -20.77 -11.21
CA GLY A 150 1.24 -20.95 -12.57
C GLY A 150 -0.11 -21.67 -12.63
N HIS A 151 -0.31 -22.67 -11.76
CA HIS A 151 -1.57 -23.40 -11.64
C HIS A 151 -2.74 -22.44 -11.37
N TRP A 152 -2.51 -21.27 -10.73
CA TRP A 152 -3.58 -20.36 -10.34
C TRP A 152 -3.72 -19.19 -11.30
N LEU A 153 -2.82 -19.08 -12.29
CA LEU A 153 -2.85 -18.04 -13.30
C LEU A 153 -3.32 -18.55 -14.68
N TYR A 154 -3.12 -19.84 -14.97
CA TYR A 154 -3.37 -20.42 -16.28
C TYR A 154 -4.31 -21.62 -16.10
N GLU A 155 -5.12 -21.92 -17.12
CA GLU A 155 -5.93 -23.13 -17.10
C GLU A 155 -5.00 -24.30 -17.47
N THR B 4 4.51 29.59 -18.24
CA THR B 4 5.26 29.14 -17.04
C THR B 4 5.65 27.64 -17.15
N GLY B 5 5.14 26.86 -18.12
CA GLY B 5 5.67 25.53 -18.42
C GLY B 5 5.62 24.62 -17.19
N ALA B 6 6.82 24.31 -16.63
CA ALA B 6 6.97 23.49 -15.43
C ALA B 6 6.61 24.26 -14.16
N HIS B 7 6.40 25.58 -14.30
CA HIS B 7 5.98 26.45 -13.22
C HIS B 7 4.45 26.60 -13.20
N GLU B 8 3.70 25.95 -14.10
CA GLU B 8 2.24 25.99 -14.04
C GLU B 8 1.77 25.53 -12.64
N ARG B 9 0.67 26.13 -12.15
CA ARG B 9 0.13 25.79 -10.84
C ARG B 9 -1.35 25.51 -10.90
N THR B 10 -1.84 24.61 -10.02
CA THR B 10 -3.27 24.38 -9.91
C THR B 10 -3.68 24.48 -8.46
N PHE B 11 -4.97 24.72 -8.25
CA PHE B 11 -5.56 24.73 -6.92
C PHE B 11 -6.37 23.46 -6.75
N LEU B 12 -6.08 22.76 -5.66
CA LEU B 12 -6.86 21.58 -5.27
C LEU B 12 -7.37 21.78 -3.87
N ALA B 13 -8.56 21.23 -3.60
CA ALA B 13 -9.07 21.20 -2.24
C ALA B 13 -9.69 19.83 -1.94
N VAL B 14 -9.27 19.23 -0.83
CA VAL B 14 -9.95 18.07 -0.31
C VAL B 14 -11.23 18.59 0.35
N LYS B 15 -12.37 18.11 -0.13
CA LYS B 15 -13.66 18.52 0.37
C LYS B 15 -13.92 17.88 1.74
N PRO B 16 -14.95 18.34 2.48
CA PRO B 16 -15.19 17.83 3.84
C PRO B 16 -15.27 16.31 3.96
N ASP B 17 -15.83 15.63 2.94
CA ASP B 17 -15.97 14.17 2.94
C ASP B 17 -14.58 13.52 2.91
N GLY B 18 -13.61 14.15 2.24
CA GLY B 18 -12.26 13.61 2.16
C GLY B 18 -11.57 13.66 3.50
N VAL B 19 -11.82 14.73 4.26
CA VAL B 19 -11.24 14.89 5.59
C VAL B 19 -11.91 13.88 6.54
N GLN B 20 -13.25 13.83 6.52
CA GLN B 20 -14.01 12.96 7.40
C GLN B 20 -13.67 11.50 7.17
N ARG B 21 -13.50 11.10 5.92
CA ARG B 21 -13.18 9.70 5.61
C ARG B 21 -11.69 9.42 5.71
N ARG B 22 -10.87 10.38 6.16
CA ARG B 22 -9.47 10.13 6.41
C ARG B 22 -8.69 9.80 5.14
N LEU B 23 -8.96 10.52 4.05
CA LEU B 23 -8.27 10.30 2.79
C LEU B 23 -7.32 11.44 2.41
N VAL B 24 -6.98 12.33 3.34
CA VAL B 24 -6.14 13.48 3.01
C VAL B 24 -4.73 12.97 2.59
N GLY B 25 -4.10 12.17 3.44
CA GLY B 25 -2.80 11.57 3.15
C GLY B 25 -2.80 10.82 1.83
N GLU B 26 -3.81 9.96 1.66
CA GLU B 26 -3.96 9.20 0.43
C GLU B 26 -3.95 10.10 -0.81
N ILE B 27 -4.69 11.20 -0.74
CA ILE B 27 -4.79 12.12 -1.87
C ILE B 27 -3.46 12.83 -2.09
N VAL B 28 -2.87 13.36 -1.02
CA VAL B 28 -1.60 14.07 -1.15
C VAL B 28 -0.55 13.13 -1.74
N ARG B 29 -0.54 11.87 -1.28
CA ARG B 29 0.43 10.88 -1.70
C ARG B 29 0.35 10.65 -3.19
N ARG B 30 -0.86 10.66 -3.75
CA ARG B 30 -0.97 10.49 -5.19
C ARG B 30 -0.32 11.62 -6.01
N PHE B 31 -0.43 12.85 -5.55
CA PHE B 31 0.21 13.98 -6.24
C PHE B 31 1.72 13.96 -6.02
N GLU B 32 2.14 13.56 -4.81
CA GLU B 32 3.57 13.44 -4.53
C GLU B 32 4.21 12.38 -5.43
N ARG B 33 3.55 11.24 -5.57
CA ARG B 33 4.19 10.14 -6.25
C ARG B 33 4.18 10.43 -7.76
N LYS B 34 3.27 11.29 -8.21
CA LYS B 34 3.22 11.66 -9.61
C LYS B 34 4.39 12.57 -9.99
N GLY B 35 4.96 13.27 -9.01
CA GLY B 35 6.10 14.16 -9.23
C GLY B 35 5.76 15.64 -9.07
N PHE B 36 4.53 16.00 -8.72
CA PHE B 36 4.22 17.42 -8.63
C PHE B 36 4.81 18.01 -7.36
N LYS B 37 5.03 19.31 -7.40
CA LYS B 37 5.62 20.02 -6.27
C LYS B 37 4.54 20.73 -5.46
N LEU B 38 4.49 20.46 -4.17
CA LEU B 38 3.54 21.09 -3.26
C LEU B 38 4.08 22.48 -2.91
N VAL B 39 3.34 23.52 -3.27
CA VAL B 39 3.81 24.89 -3.00
C VAL B 39 2.92 25.66 -2.01
N ALA B 40 1.72 25.11 -1.68
CA ALA B 40 0.95 25.67 -0.57
C ALA B 40 0.00 24.61 -0.03
N LEU B 41 -0.33 24.75 1.26
CA LEU B 41 -1.15 23.76 1.95
C LEU B 41 -1.70 24.41 3.21
N LYS B 42 -3.01 24.24 3.44
CA LYS B 42 -3.57 24.59 4.73
C LYS B 42 -4.91 23.93 4.92
N LEU B 43 -5.22 23.63 6.18
CA LEU B 43 -6.56 23.21 6.58
C LEU B 43 -7.32 24.47 6.97
N VAL B 44 -8.46 24.71 6.31
CA VAL B 44 -9.31 25.87 6.58
C VAL B 44 -10.78 25.47 6.59
N GLN B 45 -11.57 26.34 7.21
CA GLN B 45 -13.01 26.32 7.12
C GLN B 45 -13.40 27.49 6.23
N ALA B 46 -13.81 27.25 4.99
CA ALA B 46 -14.14 28.35 4.08
C ALA B 46 -15.50 28.96 4.39
N SER B 47 -15.61 30.28 4.29
CA SER B 47 -16.88 30.98 4.45
C SER B 47 -17.75 30.77 3.21
N GLU B 48 -19.06 30.93 3.39
CA GLU B 48 -20.01 30.90 2.31
C GLU B 48 -19.69 32.00 1.30
N GLU B 49 -19.24 33.16 1.80
CA GLU B 49 -18.91 34.29 0.94
C GLU B 49 -17.80 33.87 -0.04
N LEU B 50 -16.73 33.27 0.48
CA LEU B 50 -15.63 32.83 -0.37
C LEU B 50 -16.12 31.75 -1.35
N LEU B 51 -16.94 30.82 -0.85
CA LEU B 51 -17.36 29.73 -1.71
C LEU B 51 -18.29 30.19 -2.82
N ARG B 52 -19.12 31.20 -2.57
CA ARG B 52 -19.99 31.73 -3.60
CA ARG B 52 -19.99 31.74 -3.61
C ARG B 52 -19.17 32.30 -4.76
N GLU B 53 -18.02 32.89 -4.45
CA GLU B 53 -17.11 33.42 -5.47
C GLU B 53 -16.34 32.25 -6.10
N HIS B 54 -15.87 31.31 -5.29
CA HIS B 54 -15.20 30.12 -5.82
C HIS B 54 -16.04 29.48 -6.93
N TYR B 55 -17.35 29.35 -6.68
CA TYR B 55 -18.23 28.66 -7.62
C TYR B 55 -19.12 29.63 -8.39
N ALA B 56 -18.64 30.87 -8.63
CA ALA B 56 -19.45 31.90 -9.25
C ALA B 56 -20.07 31.42 -10.56
N GLU B 57 -19.32 30.65 -11.34
CA GLU B 57 -19.77 30.21 -12.67
C GLU B 57 -20.93 29.24 -12.57
N LEU B 58 -21.18 28.68 -11.38
CA LEU B 58 -22.24 27.70 -11.19
C LEU B 58 -23.47 28.33 -10.54
N ARG B 59 -23.53 29.67 -10.47
CA ARG B 59 -24.54 30.35 -9.65
C ARG B 59 -25.97 30.06 -10.12
N GLU B 60 -26.16 29.84 -11.42
CA GLU B 60 -27.49 29.61 -12.00
C GLU B 60 -27.88 28.14 -11.91
N ARG B 61 -27.00 27.26 -11.42
CA ARG B 61 -27.27 25.83 -11.41
C ARG B 61 -28.05 25.44 -10.17
N PRO B 62 -28.91 24.39 -10.23
CA PRO B 62 -29.80 24.07 -9.12
C PRO B 62 -29.09 23.51 -7.88
N PHE B 63 -27.87 22.98 -8.04
CA PHE B 63 -27.10 22.44 -6.92
C PHE B 63 -26.24 23.51 -6.23
N TYR B 64 -26.19 24.74 -6.75
CA TYR B 64 -25.28 25.77 -6.28
C TYR B 64 -25.43 26.01 -4.78
N GLY B 65 -26.66 26.31 -4.34
CA GLY B 65 -26.92 26.56 -2.93
C GLY B 65 -26.41 25.43 -2.02
N ARG B 66 -26.71 24.17 -2.38
CA ARG B 66 -26.36 23.04 -1.55
C ARG B 66 -24.86 22.79 -1.63
N LEU B 67 -24.27 23.01 -2.80
CA LEU B 67 -22.83 22.88 -2.96
C LEU B 67 -22.08 23.86 -2.05
N VAL B 68 -22.51 25.12 -2.06
CA VAL B 68 -21.90 26.13 -1.23
C VAL B 68 -22.04 25.77 0.25
N LYS B 69 -23.24 25.38 0.66
CA LYS B 69 -23.49 25.03 2.06
C LYS B 69 -22.65 23.83 2.47
N TYR B 70 -22.60 22.83 1.62
CA TYR B 70 -21.82 21.64 1.93
C TYR B 70 -20.34 21.99 2.10
N MET B 71 -19.77 22.74 1.14
CA MET B 71 -18.35 23.04 1.19
C MET B 71 -17.99 23.93 2.37
N ALA B 72 -18.99 24.66 2.90
CA ALA B 72 -18.80 25.48 4.09
C ALA B 72 -19.07 24.69 5.37
N SER B 73 -19.48 23.42 5.26
CA SER B 73 -20.03 22.72 6.42
C SER B 73 -18.93 22.15 7.30
N GLY B 74 -17.69 22.06 6.79
CA GLY B 74 -16.64 21.40 7.53
C GLY B 74 -15.27 21.76 6.96
N PRO B 75 -14.16 21.34 7.59
CA PRO B 75 -12.83 21.69 7.08
C PRO B 75 -12.57 21.12 5.71
N VAL B 76 -11.83 21.92 4.93
CA VAL B 76 -11.25 21.48 3.67
C VAL B 76 -9.73 21.68 3.75
N VAL B 77 -9.02 20.92 2.93
CA VAL B 77 -7.58 21.03 2.82
C VAL B 77 -7.31 21.69 1.46
N ALA B 78 -6.86 22.95 1.53
CA ALA B 78 -6.56 23.75 0.37
C ALA B 78 -5.10 23.54 0.01
N MET B 79 -4.82 23.47 -1.29
CA MET B 79 -3.48 23.12 -1.76
C MET B 79 -3.21 23.79 -3.09
N VAL B 80 -1.92 24.03 -3.32
CA VAL B 80 -1.44 24.40 -4.63
C VAL B 80 -0.30 23.46 -5.00
N TRP B 81 -0.37 22.94 -6.24
CA TRP B 81 0.61 22.03 -6.81
C TRP B 81 1.19 22.65 -8.06
N GLN B 82 2.50 22.45 -8.23
CA GLN B 82 3.23 22.96 -9.37
C GLN B 82 3.86 21.86 -10.21
N GLY B 83 3.76 22.01 -11.53
CA GLY B 83 4.52 21.20 -12.48
C GLY B 83 3.93 21.33 -13.88
N LEU B 84 4.62 20.71 -14.84
CA LEU B 84 4.21 20.73 -16.23
C LEU B 84 2.81 20.15 -16.36
N ASP B 85 1.91 20.90 -16.96
CA ASP B 85 0.59 20.44 -17.32
C ASP B 85 -0.20 20.04 -16.07
N VAL B 86 0.15 20.62 -14.93
CA VAL B 86 -0.42 20.19 -13.66
C VAL B 86 -1.96 20.33 -13.61
N VAL B 87 -2.54 21.33 -14.28
CA VAL B 87 -3.99 21.53 -14.23
C VAL B 87 -4.70 20.37 -14.93
N ARG B 88 -4.35 20.13 -16.17
CA ARG B 88 -4.95 19.06 -16.96
C ARG B 88 -4.69 17.69 -16.31
N THR B 89 -3.46 17.46 -15.85
CA THR B 89 -3.06 16.16 -15.34
C THR B 89 -3.77 15.88 -14.00
N SER B 90 -3.84 16.91 -13.13
CA SER B 90 -4.58 16.80 -11.89
C SER B 90 -6.01 16.36 -12.15
N ARG B 91 -6.65 16.92 -13.16
CA ARG B 91 -8.03 16.59 -13.45
C ARG B 91 -8.11 15.12 -13.84
N ALA B 92 -7.13 14.64 -14.63
CA ALA B 92 -7.10 13.24 -15.01
C ALA B 92 -6.92 12.33 -13.79
N LEU B 93 -6.04 12.71 -12.86
CA LEU B 93 -5.81 11.87 -11.70
C LEU B 93 -7.05 11.82 -10.82
N ILE B 94 -7.76 12.93 -10.73
CA ILE B 94 -8.96 13.04 -9.92
C ILE B 94 -10.09 12.20 -10.51
N GLY B 95 -10.26 12.29 -11.84
CA GLY B 95 -11.32 11.57 -12.52
C GLY B 95 -12.55 12.44 -12.75
N ALA B 96 -13.48 11.90 -13.56
CA ALA B 96 -14.69 12.60 -13.95
C ALA B 96 -15.46 13.12 -12.74
N THR B 97 -16.19 14.22 -12.96
CA THR B 97 -16.98 14.89 -11.94
C THR B 97 -17.89 13.89 -11.25
N ASN B 98 -18.65 13.17 -12.07
CA ASN B 98 -19.50 12.10 -11.59
C ASN B 98 -18.66 10.83 -11.41
N PRO B 99 -18.47 10.34 -10.17
CA PRO B 99 -17.61 9.19 -9.91
C PRO B 99 -18.03 7.94 -10.68
N ALA B 100 -19.29 7.86 -11.07
CA ALA B 100 -19.77 6.72 -11.85
C ALA B 100 -19.08 6.66 -13.21
N ASP B 101 -18.55 7.78 -13.71
CA ASP B 101 -17.88 7.81 -15.00
C ASP B 101 -16.37 7.85 -14.84
N ALA B 102 -15.88 7.80 -13.59
CA ALA B 102 -14.45 7.90 -13.32
C ALA B 102 -13.87 6.49 -13.23
N PRO B 103 -12.92 6.09 -14.09
CA PRO B 103 -12.44 4.71 -14.04
C PRO B 103 -11.61 4.44 -12.77
N PRO B 104 -11.52 3.16 -12.40
CA PRO B 104 -10.59 2.73 -11.36
C PRO B 104 -9.18 3.21 -11.70
N GLY B 105 -8.41 3.55 -10.67
CA GLY B 105 -7.12 4.19 -10.80
C GLY B 105 -7.17 5.69 -10.51
N THR B 106 -8.29 6.34 -10.81
CA THR B 106 -8.54 7.74 -10.44
C THR B 106 -8.98 7.82 -8.98
N ILE B 107 -8.86 9.02 -8.42
CA ILE B 107 -9.24 9.21 -7.03
C ILE B 107 -10.72 8.94 -6.89
N ARG B 108 -11.55 9.48 -7.78
CA ARG B 108 -12.98 9.32 -7.61
C ARG B 108 -13.41 7.92 -8.00
N GLY B 109 -12.72 7.35 -8.99
CA GLY B 109 -12.95 5.99 -9.42
C GLY B 109 -12.70 4.97 -8.34
N ASP B 110 -11.69 5.23 -7.50
CA ASP B 110 -11.33 4.33 -6.42
C ASP B 110 -12.11 4.56 -5.14
N PHE B 111 -12.51 5.81 -4.85
CA PHE B 111 -12.93 6.19 -3.50
C PHE B 111 -14.35 6.73 -3.38
N CYS B 112 -15.07 6.98 -4.48
CA CYS B 112 -16.37 7.64 -4.38
C CYS B 112 -17.41 7.03 -5.26
N ILE B 113 -18.65 7.39 -4.93
CA ILE B 113 -19.83 6.86 -5.58
C ILE B 113 -20.65 7.99 -6.19
N GLU B 114 -20.88 9.09 -5.44
CA GLU B 114 -21.89 10.04 -5.87
C GLU B 114 -21.30 11.42 -6.13
N VAL B 115 -21.91 12.16 -7.05
CA VAL B 115 -21.37 13.40 -7.55
C VAL B 115 -21.25 14.45 -6.43
N GLY B 116 -22.15 14.42 -5.46
CA GLY B 116 -22.15 15.41 -4.39
C GLY B 116 -21.12 15.11 -3.31
N LYS B 117 -20.58 13.87 -3.35
CA LYS B 117 -19.58 13.44 -2.40
C LYS B 117 -18.39 12.87 -3.18
N ASN B 118 -17.67 13.78 -3.84
CA ASN B 118 -16.65 13.39 -4.81
C ASN B 118 -15.27 13.90 -4.40
N LEU B 119 -15.11 14.15 -3.09
CA LEU B 119 -13.86 14.13 -2.34
C LEU B 119 -12.98 15.36 -2.54
N ILE B 120 -12.92 15.89 -3.75
CA ILE B 120 -11.87 16.84 -4.10
C ILE B 120 -12.37 17.83 -5.15
N HIS B 121 -11.83 19.06 -5.09
CA HIS B 121 -11.97 20.04 -6.17
C HIS B 121 -10.62 20.24 -6.84
N GLY B 122 -10.60 20.33 -8.17
CA GLY B 122 -9.43 20.81 -8.90
C GLY B 122 -9.79 21.86 -9.93
N SER B 123 -8.95 22.91 -10.10
CA SER B 123 -9.20 23.93 -11.10
C SER B 123 -9.39 23.26 -12.46
N ASP B 124 -10.22 23.86 -13.32
CA ASP B 124 -10.48 23.27 -14.62
C ASP B 124 -9.65 23.92 -15.76
N SER B 125 -8.84 24.94 -15.46
CA SER B 125 -8.03 25.62 -16.46
C SER B 125 -6.94 26.43 -15.77
N VAL B 126 -5.94 26.85 -16.54
CA VAL B 126 -4.88 27.68 -16.00
C VAL B 126 -5.48 28.99 -15.46
N GLU B 127 -6.44 29.57 -16.19
CA GLU B 127 -7.07 30.81 -15.75
C GLU B 127 -7.88 30.60 -14.48
N SER B 128 -8.64 29.50 -14.39
CA SER B 128 -9.40 29.20 -13.17
C SER B 128 -8.44 29.02 -11.99
N ALA B 129 -7.30 28.36 -12.23
CA ALA B 129 -6.36 28.10 -11.16
C ALA B 129 -5.77 29.40 -10.63
N ARG B 130 -5.40 30.30 -11.55
CA ARG B 130 -4.89 31.59 -11.12
C ARG B 130 -5.91 32.30 -10.21
N ARG B 131 -7.17 32.29 -10.60
CA ARG B 131 -8.23 32.96 -9.82
C ARG B 131 -8.37 32.29 -8.45
N GLU B 132 -8.41 30.95 -8.44
CA GLU B 132 -8.70 30.23 -7.22
C GLU B 132 -7.51 30.37 -6.27
N ILE B 133 -6.29 30.35 -6.80
CA ILE B 133 -5.13 30.51 -5.96
C ILE B 133 -5.17 31.85 -5.23
N ALA B 134 -5.50 32.92 -5.98
CA ALA B 134 -5.59 34.27 -5.41
C ALA B 134 -6.73 34.38 -4.40
N LEU B 135 -7.82 33.66 -4.63
CA LEU B 135 -8.97 33.72 -3.75
C LEU B 135 -8.68 33.01 -2.43
N TRP B 136 -7.97 31.88 -2.47
CA TRP B 136 -7.80 31.04 -1.29
C TRP B 136 -6.52 31.31 -0.52
N PHE B 137 -5.49 31.84 -1.19
CA PHE B 137 -4.19 32.00 -0.56
C PHE B 137 -3.67 33.43 -0.74
N ARG B 138 -2.94 33.93 0.26
CA ARG B 138 -2.11 35.09 0.11
C ARG B 138 -0.84 34.70 -0.64
N ALA B 139 -0.21 35.71 -1.26
CA ALA B 139 1.06 35.53 -1.97
C ALA B 139 2.10 34.89 -1.06
N ASP B 140 2.13 35.30 0.23
CA ASP B 140 3.18 34.83 1.11
C ASP B 140 2.92 33.42 1.65
N GLU B 141 1.82 32.76 1.22
CA GLU B 141 1.57 31.36 1.55
C GLU B 141 2.05 30.43 0.44
N LEU B 142 2.43 30.98 -0.72
CA LEU B 142 2.93 30.17 -1.83
C LEU B 142 4.44 30.09 -1.77
N LEU B 143 5.02 28.91 -1.54
CA LEU B 143 6.45 28.82 -1.25
C LEU B 143 7.25 28.37 -2.47
N CYS B 144 8.37 29.05 -2.73
CA CYS B 144 9.39 28.56 -3.65
C CYS B 144 10.38 27.72 -2.86
N TRP B 145 10.59 26.51 -3.32
CA TRP B 145 11.69 25.75 -2.74
C TRP B 145 12.43 25.01 -3.84
N GLU B 146 13.69 24.71 -3.59
CA GLU B 146 14.54 24.07 -4.58
C GLU B 146 14.24 22.57 -4.55
N ASP B 147 13.65 22.05 -5.62
CA ASP B 147 13.16 20.68 -5.67
C ASP B 147 14.23 19.72 -6.20
N SER B 148 14.89 18.99 -5.32
CA SER B 148 15.92 18.06 -5.72
C SER B 148 15.39 16.88 -6.58
N ALA B 149 14.08 16.61 -6.57
CA ALA B 149 13.52 15.55 -7.38
C ALA B 149 13.38 15.97 -8.84
N GLY B 150 13.34 17.31 -9.08
CA GLY B 150 13.11 17.87 -10.40
C GLY B 150 14.02 17.31 -11.50
N HIS B 151 15.30 17.07 -11.19
CA HIS B 151 16.24 16.49 -12.13
C HIS B 151 15.75 15.13 -12.66
N TRP B 152 14.92 14.40 -11.88
CA TRP B 152 14.49 13.05 -12.26
C TRP B 152 13.10 13.04 -12.87
N LEU B 153 12.41 14.20 -12.87
CA LEU B 153 11.08 14.36 -13.45
C LEU B 153 11.07 15.10 -14.78
N TYR B 154 12.08 15.97 -15.01
CA TYR B 154 12.11 16.89 -16.16
C TYR B 154 13.44 16.69 -16.87
N GLU B 155 13.48 16.92 -18.18
CA GLU B 155 14.76 16.99 -18.90
C GLU B 155 15.41 18.35 -18.58
N THR C 4 -34.70 0.84 -5.61
CA THR C 4 -33.76 0.53 -4.48
C THR C 4 -32.72 1.64 -4.34
N GLY C 5 -32.33 2.32 -5.45
CA GLY C 5 -31.34 3.40 -5.44
C GLY C 5 -30.04 2.99 -4.73
N ALA C 6 -29.82 3.57 -3.54
CA ALA C 6 -28.66 3.32 -2.69
C ALA C 6 -28.75 1.97 -1.99
N HIS C 7 -29.92 1.32 -2.06
CA HIS C 7 -30.14 0.00 -1.52
C HIS C 7 -29.90 -1.08 -2.59
N GLU C 8 -29.53 -0.73 -3.83
CA GLU C 8 -29.16 -1.74 -4.82
C GLU C 8 -28.09 -2.68 -4.25
N ARG C 9 -28.16 -3.97 -4.62
CA ARG C 9 -27.22 -4.97 -4.11
C ARG C 9 -26.66 -5.80 -5.25
N THR C 10 -25.40 -6.25 -5.11
CA THR C 10 -24.82 -7.17 -6.08
C THR C 10 -24.23 -8.36 -5.34
N PHE C 11 -24.07 -9.46 -6.08
CA PHE C 11 -23.40 -10.65 -5.58
C PHE C 11 -22.01 -10.73 -6.21
N LEU C 12 -21.00 -10.87 -5.35
CA LEU C 12 -19.63 -11.08 -5.77
C LEU C 12 -19.12 -12.36 -5.13
N ALA C 13 -18.24 -13.06 -5.84
CA ALA C 13 -17.55 -14.22 -5.29
C ALA C 13 -16.08 -14.19 -5.71
N VAL C 14 -15.19 -14.29 -4.72
CA VAL C 14 -13.79 -14.54 -4.99
C VAL C 14 -13.69 -16.02 -5.36
N LYS C 15 -13.17 -16.27 -6.56
CA LYS C 15 -13.03 -17.62 -7.09
C LYS C 15 -11.86 -18.32 -6.39
N PRO C 16 -11.70 -19.64 -6.56
CA PRO C 16 -10.65 -20.39 -5.86
C PRO C 16 -9.24 -19.81 -6.04
N ASP C 17 -8.93 -19.28 -7.23
CA ASP C 17 -7.63 -18.69 -7.55
C ASP C 17 -7.39 -17.48 -6.64
N GLY C 18 -8.46 -16.72 -6.33
CA GLY C 18 -8.30 -15.55 -5.49
C GLY C 18 -7.97 -15.92 -4.06
N VAL C 19 -8.55 -17.02 -3.58
CA VAL C 19 -8.26 -17.51 -2.24
C VAL C 19 -6.82 -18.04 -2.20
N GLN C 20 -6.47 -18.90 -3.17
CA GLN C 20 -5.16 -19.54 -3.22
C GLN C 20 -4.05 -18.50 -3.35
N ARG C 21 -4.27 -17.44 -4.13
CA ARG C 21 -3.27 -16.41 -4.30
C ARG C 21 -3.30 -15.36 -3.19
N ARG C 22 -4.15 -15.54 -2.18
CA ARG C 22 -4.17 -14.65 -1.04
C ARG C 22 -4.59 -13.23 -1.39
N LEU C 23 -5.60 -13.07 -2.24
CA LEU C 23 -6.09 -11.79 -2.66
C LEU C 23 -7.49 -11.46 -2.11
N VAL C 24 -7.98 -12.20 -1.11
CA VAL C 24 -9.32 -11.94 -0.58
C VAL C 24 -9.36 -10.54 0.07
N GLY C 25 -8.43 -10.25 0.99
CA GLY C 25 -8.38 -8.97 1.66
C GLY C 25 -8.19 -7.83 0.66
N GLU C 26 -7.31 -8.02 -0.30
CA GLU C 26 -7.07 -7.03 -1.33
C GLU C 26 -8.37 -6.69 -2.07
N ILE C 27 -9.15 -7.70 -2.40
CA ILE C 27 -10.40 -7.51 -3.13
C ILE C 27 -11.41 -6.81 -2.23
N VAL C 28 -11.57 -7.30 -1.01
CA VAL C 28 -12.54 -6.70 -0.10
C VAL C 28 -12.20 -5.22 0.11
N ARG C 29 -10.91 -4.94 0.29
CA ARG C 29 -10.44 -3.58 0.56
C ARG C 29 -10.82 -2.64 -0.57
N ARG C 30 -10.79 -3.10 -1.82
CA ARG C 30 -11.18 -2.22 -2.91
C ARG C 30 -12.66 -1.81 -2.86
N PHE C 31 -13.55 -2.74 -2.48
CA PHE C 31 -14.96 -2.42 -2.35
C PHE C 31 -15.20 -1.53 -1.13
N GLU C 32 -14.46 -1.79 -0.05
CA GLU C 32 -14.57 -0.98 1.15
C GLU C 32 -14.15 0.46 0.89
N ARG C 33 -13.05 0.63 0.17
CA ARG C 33 -12.50 1.98 0.05
C ARG C 33 -13.37 2.75 -0.95
N LYS C 34 -14.07 2.04 -1.83
CA LYS C 34 -14.96 2.68 -2.78
C LYS C 34 -16.21 3.26 -2.07
N GLY C 35 -16.56 2.69 -0.91
CA GLY C 35 -17.70 3.19 -0.14
C GLY C 35 -18.87 2.21 -0.07
N PHE C 36 -18.78 1.06 -0.72
CA PHE C 36 -19.91 0.14 -0.69
C PHE C 36 -20.02 -0.53 0.66
N LYS C 37 -21.25 -0.96 0.96
CA LYS C 37 -21.57 -1.54 2.25
C LYS C 37 -21.63 -3.07 2.14
N LEU C 38 -20.83 -3.76 2.96
CA LEU C 38 -20.82 -5.20 2.99
C LEU C 38 -22.03 -5.68 3.80
N VAL C 39 -22.93 -6.42 3.16
CA VAL C 39 -24.13 -6.87 3.84
C VAL C 39 -24.21 -8.41 3.98
N ALA C 40 -23.34 -9.16 3.29
CA ALA C 40 -23.19 -10.58 3.57
C ALA C 40 -21.83 -11.08 3.11
N LEU C 41 -21.32 -12.11 3.77
CA LEU C 41 -19.98 -12.62 3.55
C LEU C 41 -19.90 -14.03 4.10
N LYS C 42 -19.40 -14.98 3.30
CA LYS C 42 -19.05 -16.29 3.84
C LYS C 42 -18.10 -17.03 2.93
N LEU C 43 -17.26 -17.84 3.55
CA LEU C 43 -16.40 -18.78 2.85
C LEU C 43 -17.16 -20.08 2.74
N VAL C 44 -17.36 -20.55 1.50
CA VAL C 44 -18.10 -21.77 1.23
C VAL C 44 -17.39 -22.59 0.15
N GLN C 45 -17.73 -23.86 0.17
CA GLN C 45 -17.41 -24.79 -0.89
C GLN C 45 -18.69 -25.05 -1.65
N ALA C 46 -18.86 -24.49 -2.84
CA ALA C 46 -20.14 -24.58 -3.54
C ALA C 46 -20.26 -25.94 -4.21
N SER C 47 -21.47 -26.53 -4.16
CA SER C 47 -21.76 -27.77 -4.85
C SER C 47 -21.86 -27.53 -6.35
N GLU C 48 -21.64 -28.59 -7.12
CA GLU C 48 -21.82 -28.55 -8.55
C GLU C 48 -23.28 -28.24 -8.86
N GLU C 49 -24.21 -28.76 -8.05
CA GLU C 49 -25.63 -28.51 -8.25
C GLU C 49 -25.91 -27.00 -8.22
N LEU C 50 -25.42 -26.32 -7.17
CA LEU C 50 -25.62 -24.88 -7.05
C LEU C 50 -24.94 -24.17 -8.23
N LEU C 51 -23.72 -24.59 -8.58
CA LEU C 51 -23.00 -23.87 -9.62
C LEU C 51 -23.66 -24.03 -10.97
N ARG C 52 -24.25 -25.19 -11.26
CA ARG C 52 -24.91 -25.40 -12.54
C ARG C 52 -26.08 -24.44 -12.70
N GLU C 53 -26.77 -24.13 -11.59
CA GLU C 53 -27.87 -23.17 -11.58
C GLU C 53 -27.31 -21.75 -11.65
N HIS C 54 -26.26 -21.48 -10.86
CA HIS C 54 -25.61 -20.17 -10.91
C HIS C 54 -25.30 -19.78 -12.36
N TYR C 55 -24.74 -20.74 -13.12
CA TYR C 55 -24.28 -20.47 -14.46
C TYR C 55 -25.22 -21.07 -15.51
N ALA C 56 -26.53 -21.17 -15.20
CA ALA C 56 -27.50 -21.81 -16.08
C ALA C 56 -27.44 -21.22 -17.50
N GLU C 57 -27.28 -19.89 -17.59
CA GLU C 57 -27.33 -19.21 -18.88
C GLU C 57 -26.13 -19.59 -19.74
N LEU C 58 -25.09 -20.18 -19.15
CA LEU C 58 -23.88 -20.50 -19.87
C LEU C 58 -23.82 -21.99 -20.23
N ARG C 59 -24.93 -22.71 -20.09
CA ARG C 59 -24.92 -24.17 -20.18
C ARG C 59 -24.48 -24.67 -21.56
N GLU C 60 -24.76 -23.90 -22.63
CA GLU C 60 -24.43 -24.29 -23.99
C GLU C 60 -22.98 -23.93 -24.36
N ARG C 61 -22.25 -23.26 -23.47
CA ARG C 61 -20.92 -22.75 -23.81
C ARG C 61 -19.87 -23.81 -23.57
N PRO C 62 -18.74 -23.80 -24.31
CA PRO C 62 -17.76 -24.89 -24.26
C PRO C 62 -16.98 -24.96 -22.94
N PHE C 63 -16.90 -23.85 -22.22
CA PHE C 63 -16.19 -23.77 -20.96
C PHE C 63 -17.07 -24.13 -19.78
N TYR C 64 -18.39 -24.36 -19.98
CA TYR C 64 -19.33 -24.52 -18.87
C TYR C 64 -18.91 -25.64 -17.93
N GLY C 65 -18.68 -26.83 -18.49
CA GLY C 65 -18.28 -27.98 -17.71
C GLY C 65 -17.05 -27.70 -16.84
N ARG C 66 -16.01 -27.10 -17.44
CA ARG C 66 -14.77 -26.87 -16.73
C ARG C 66 -14.96 -25.73 -15.73
N LEU C 67 -15.75 -24.73 -16.08
CA LEU C 67 -16.07 -23.64 -15.17
C LEU C 67 -16.76 -24.17 -13.92
N VAL C 68 -17.76 -25.03 -14.08
CA VAL C 68 -18.48 -25.59 -12.96
C VAL C 68 -17.52 -26.42 -12.09
N LYS C 69 -16.72 -27.27 -12.73
CA LYS C 69 -15.80 -28.13 -11.99
C LYS C 69 -14.78 -27.29 -11.23
N TYR C 70 -14.25 -26.27 -11.90
CA TYR C 70 -13.26 -25.42 -11.28
C TYR C 70 -13.85 -24.70 -10.06
N MET C 71 -15.03 -24.09 -10.22
CA MET C 71 -15.61 -23.32 -9.13
C MET C 71 -15.99 -24.22 -7.95
N ALA C 72 -16.20 -25.52 -8.22
CA ALA C 72 -16.49 -26.49 -7.17
C ALA C 72 -15.21 -27.07 -6.58
N SER C 73 -14.04 -26.72 -7.12
CA SER C 73 -12.81 -27.44 -6.80
C SER C 73 -12.21 -26.96 -5.48
N GLY C 74 -12.64 -25.81 -4.97
CA GLY C 74 -12.00 -25.22 -3.80
C GLY C 74 -12.87 -24.12 -3.22
N PRO C 75 -12.52 -23.54 -2.07
CA PRO C 75 -13.37 -22.52 -1.45
C PRO C 75 -13.51 -21.28 -2.31
N VAL C 76 -14.72 -20.70 -2.23
CA VAL C 76 -14.95 -19.36 -2.73
C VAL C 76 -15.44 -18.48 -1.57
N VAL C 77 -15.24 -17.17 -1.73
CA VAL C 77 -15.72 -16.19 -0.78
C VAL C 77 -16.90 -15.48 -1.42
N ALA C 78 -18.09 -15.80 -0.91
CA ALA C 78 -19.33 -15.24 -1.41
C ALA C 78 -19.65 -13.97 -0.63
N MET C 79 -20.19 -12.97 -1.32
CA MET C 79 -20.37 -11.64 -0.75
C MET C 79 -21.57 -10.97 -1.38
N VAL C 80 -22.21 -10.09 -0.60
CA VAL C 80 -23.19 -9.15 -1.10
C VAL C 80 -22.76 -7.74 -0.67
N TRP C 81 -22.78 -6.83 -1.63
CA TRP C 81 -22.41 -5.44 -1.45
C TRP C 81 -23.58 -4.56 -1.83
N GLN C 82 -23.77 -3.50 -1.04
CA GLN C 82 -24.86 -2.58 -1.25
C GLN C 82 -24.36 -1.15 -1.52
N GLY C 83 -25.01 -0.47 -2.47
CA GLY C 83 -24.86 0.96 -2.68
C GLY C 83 -25.41 1.36 -4.05
N LEU C 84 -25.41 2.67 -4.31
CA LEU C 84 -25.90 3.22 -5.55
C LEU C 84 -25.12 2.65 -6.72
N ASP C 85 -25.84 2.07 -7.68
CA ASP C 85 -25.26 1.61 -8.92
C ASP C 85 -24.20 0.53 -8.67
N VAL C 86 -24.33 -0.20 -7.55
CA VAL C 86 -23.30 -1.14 -7.15
C VAL C 86 -23.06 -2.25 -8.19
N VAL C 87 -24.08 -2.67 -8.94
CA VAL C 87 -23.88 -3.76 -9.91
C VAL C 87 -22.95 -3.29 -11.03
N ARG C 88 -23.31 -2.18 -11.68
CA ARG C 88 -22.55 -1.64 -12.79
C ARG C 88 -21.15 -1.21 -12.33
N THR C 89 -21.05 -0.57 -11.16
CA THR C 89 -19.79 -0.05 -10.68
C THR C 89 -18.85 -1.20 -10.27
N SER C 90 -19.39 -2.23 -9.62
CA SER C 90 -18.64 -3.43 -9.31
C SER C 90 -18.00 -4.02 -10.56
N ARG C 91 -18.77 -4.08 -11.65
CA ARG C 91 -18.26 -4.66 -12.87
C ARG C 91 -17.10 -3.81 -13.37
N ALA C 92 -17.22 -2.48 -13.26
CA ALA C 92 -16.15 -1.60 -13.68
C ALA C 92 -14.90 -1.81 -12.81
N LEU C 93 -15.06 -1.97 -11.50
CA LEU C 93 -13.91 -2.13 -10.64
C LEU C 93 -13.21 -3.45 -10.94
N ILE C 94 -13.99 -4.48 -11.26
CA ILE C 94 -13.46 -5.80 -11.54
C ILE C 94 -12.71 -5.81 -12.87
N GLY C 95 -13.29 -5.17 -13.88
CA GLY C 95 -12.72 -5.12 -15.21
C GLY C 95 -13.32 -6.19 -16.13
N ALA C 96 -12.96 -6.09 -17.41
CA ALA C 96 -13.49 -6.98 -18.44
C ALA C 96 -13.26 -8.46 -18.08
N THR C 97 -14.15 -9.31 -18.61
CA THR C 97 -14.13 -10.74 -18.37
C THR C 97 -12.75 -11.30 -18.69
N ASN C 98 -12.28 -10.97 -19.88
CA ASN C 98 -10.95 -11.34 -20.31
C ASN C 98 -9.94 -10.31 -19.78
N PRO C 99 -9.03 -10.71 -18.85
CA PRO C 99 -8.11 -9.77 -18.25
C PRO C 99 -7.25 -9.02 -19.25
N ALA C 100 -7.06 -9.59 -20.45
CA ALA C 100 -6.30 -8.91 -21.48
C ALA C 100 -6.97 -7.61 -21.92
N ASP C 101 -8.28 -7.49 -21.72
CA ASP C 101 -9.02 -6.30 -22.08
C ASP C 101 -9.32 -5.41 -20.87
N ALA C 102 -8.84 -5.81 -19.68
CA ALA C 102 -9.11 -5.08 -18.45
C ALA C 102 -7.97 -4.11 -18.19
N PRO C 103 -8.19 -2.79 -18.16
CA PRO C 103 -7.08 -1.88 -17.94
C PRO C 103 -6.49 -1.96 -16.54
N PRO C 104 -5.22 -1.55 -16.41
CA PRO C 104 -4.60 -1.37 -15.09
C PRO C 104 -5.48 -0.43 -14.25
N GLY C 105 -5.52 -0.71 -12.93
CA GLY C 105 -6.44 -0.07 -12.01
C GLY C 105 -7.64 -0.93 -11.63
N THR C 106 -8.10 -1.78 -12.57
CA THR C 106 -9.10 -2.80 -12.29
C THR C 106 -8.49 -4.02 -11.60
N ILE C 107 -9.34 -4.81 -10.95
CA ILE C 107 -8.85 -5.98 -10.24
C ILE C 107 -8.20 -6.91 -11.25
N ARG C 108 -8.86 -7.20 -12.37
CA ARG C 108 -8.32 -8.18 -13.29
C ARG C 108 -7.14 -7.58 -14.06
N GLY C 109 -7.22 -6.26 -14.32
CA GLY C 109 -6.13 -5.55 -14.97
C GLY C 109 -4.83 -5.61 -14.17
N ASP C 110 -4.95 -5.54 -12.84
CA ASP C 110 -3.80 -5.53 -11.96
C ASP C 110 -3.31 -6.93 -11.59
N PHE C 111 -4.21 -7.93 -11.52
CA PHE C 111 -3.90 -9.19 -10.85
C PHE C 111 -3.99 -10.45 -11.73
N CYS C 112 -4.51 -10.37 -12.96
CA CYS C 112 -4.78 -11.59 -13.72
C CYS C 112 -4.35 -11.48 -15.17
N ILE C 113 -4.25 -12.66 -15.77
CA ILE C 113 -3.75 -12.81 -17.13
C ILE C 113 -4.80 -13.50 -18.00
N GLU C 114 -5.42 -14.58 -17.50
CA GLU C 114 -6.20 -15.43 -18.38
C GLU C 114 -7.66 -15.49 -17.93
N VAL C 115 -8.56 -15.66 -18.91
CA VAL C 115 -9.99 -15.56 -18.68
C VAL C 115 -10.47 -16.63 -17.69
N GLY C 116 -9.83 -17.80 -17.67
CA GLY C 116 -10.26 -18.90 -16.82
C GLY C 116 -9.79 -18.73 -15.39
N LYS C 117 -8.86 -17.80 -15.19
CA LYS C 117 -8.31 -17.52 -13.87
C LYS C 117 -8.39 -16.01 -13.63
N ASN C 118 -9.63 -15.54 -13.47
CA ASN C 118 -9.91 -14.11 -13.47
C ASN C 118 -10.52 -13.68 -12.13
N LEU C 119 -10.26 -14.47 -11.08
CA LEU C 119 -10.23 -14.08 -9.67
C LEU C 119 -11.61 -13.98 -9.03
N ILE C 120 -12.62 -13.50 -9.76
CA ILE C 120 -13.83 -13.03 -9.12
C ILE C 120 -15.01 -13.16 -10.08
N HIS C 121 -16.20 -13.40 -9.51
CA HIS C 121 -17.47 -13.28 -10.24
C HIS C 121 -18.23 -12.08 -9.70
N GLY C 122 -18.87 -11.31 -10.60
CA GLY C 122 -19.83 -10.30 -10.19
C GLY C 122 -21.09 -10.35 -11.04
N SER C 123 -22.26 -10.15 -10.41
CA SER C 123 -23.52 -10.15 -11.14
C SER C 123 -23.43 -9.17 -12.31
N ASP C 124 -24.11 -9.49 -13.40
CA ASP C 124 -24.03 -8.67 -14.59
C ASP C 124 -25.23 -7.73 -14.75
N SER C 125 -26.22 -7.80 -13.84
CA SER C 125 -27.41 -6.96 -13.89
C SER C 125 -28.10 -7.00 -12.53
N VAL C 126 -29.01 -6.06 -12.31
CA VAL C 126 -29.78 -6.03 -11.08
C VAL C 126 -30.60 -7.33 -10.96
N GLU C 127 -31.17 -7.78 -12.08
CA GLU C 127 -31.95 -9.00 -12.08
C GLU C 127 -31.08 -10.22 -11.76
N SER C 128 -29.89 -10.31 -12.37
CA SER C 128 -28.97 -11.40 -12.09
C SER C 128 -28.58 -11.39 -10.62
N ALA C 129 -28.35 -10.20 -10.06
CA ALA C 129 -27.94 -10.09 -8.67
C ALA C 129 -29.04 -10.60 -7.74
N ARG C 130 -30.28 -10.22 -8.02
CA ARG C 130 -31.40 -10.70 -7.22
C ARG C 130 -31.42 -12.24 -7.19
N ARG C 131 -31.27 -12.87 -8.36
CA ARG C 131 -31.30 -14.32 -8.44
C ARG C 131 -30.11 -14.92 -7.68
N GLU C 132 -28.92 -14.36 -7.89
CA GLU C 132 -27.70 -14.95 -7.35
C GLU C 132 -27.70 -14.80 -5.83
N ILE C 133 -28.16 -13.64 -5.34
CA ILE C 133 -28.18 -13.43 -3.90
C ILE C 133 -29.08 -14.48 -3.24
N ALA C 134 -30.25 -14.71 -3.83
CA ALA C 134 -31.20 -15.69 -3.30
C ALA C 134 -30.66 -17.12 -3.38
N LEU C 135 -29.89 -17.40 -4.43
CA LEU C 135 -29.35 -18.74 -4.63
C LEU C 135 -28.25 -19.03 -3.62
N TRP C 136 -27.42 -18.03 -3.28
CA TRP C 136 -26.25 -18.27 -2.46
C TRP C 136 -26.47 -18.00 -0.98
N PHE C 137 -27.43 -17.13 -0.64
CA PHE C 137 -27.63 -16.71 0.74
C PHE C 137 -29.11 -16.84 1.14
N ARG C 138 -29.33 -17.19 2.40
CA ARG C 138 -30.63 -17.08 3.03
C ARG C 138 -30.87 -15.62 3.39
N ALA C 139 -32.14 -15.25 3.56
CA ALA C 139 -32.53 -13.91 3.98
C ALA C 139 -31.83 -13.53 5.28
N ASP C 140 -31.68 -14.48 6.20
CA ASP C 140 -31.14 -14.16 7.52
C ASP C 140 -29.62 -14.06 7.51
N GLU C 141 -28.98 -14.22 6.34
CA GLU C 141 -27.55 -13.97 6.21
C GLU C 141 -27.26 -12.56 5.67
N LEU C 142 -28.31 -11.86 5.21
CA LEU C 142 -28.14 -10.50 4.68
C LEU C 142 -28.41 -9.50 5.80
N LEU C 143 -27.41 -8.74 6.23
CA LEU C 143 -27.55 -7.93 7.44
C LEU C 143 -27.83 -6.46 7.12
N CYS C 144 -28.79 -5.89 7.85
CA CYS C 144 -29.00 -4.45 7.91
C CYS C 144 -28.12 -3.89 9.02
N TRP C 145 -27.27 -2.94 8.70
CA TRP C 145 -26.61 -2.24 9.77
C TRP C 145 -26.57 -0.76 9.43
N GLU C 146 -26.54 0.07 10.48
CA GLU C 146 -26.52 1.52 10.33
C GLU C 146 -25.12 1.95 9.92
N ASP C 147 -24.97 2.42 8.69
CA ASP C 147 -23.68 2.74 8.11
C ASP C 147 -23.33 4.22 8.36
N SER C 148 -22.49 4.47 9.36
CA SER C 148 -22.10 5.84 9.71
C SER C 148 -21.26 6.51 8.60
N ALA C 149 -20.70 5.75 7.65
CA ALA C 149 -19.96 6.35 6.54
C ALA C 149 -20.90 6.95 5.49
N GLY C 150 -22.16 6.46 5.46
CA GLY C 150 -23.14 6.84 4.46
C GLY C 150 -23.31 8.36 4.30
N HIS C 151 -23.27 9.11 5.40
CA HIS C 151 -23.40 10.56 5.36
C HIS C 151 -22.30 11.19 4.48
N TRP C 152 -21.13 10.52 4.33
CA TRP C 152 -20.01 11.10 3.59
C TRP C 152 -19.89 10.53 2.18
N LEU C 153 -20.74 9.55 1.83
CA LEU C 153 -20.78 8.96 0.50
C LEU C 153 -21.98 9.42 -0.33
N TYR C 154 -23.09 9.82 0.33
CA TYR C 154 -24.35 10.13 -0.34
C TYR C 154 -24.76 11.54 0.08
N GLU C 155 -25.33 12.31 -0.84
CA GLU C 155 -25.89 13.61 -0.47
C GLU C 155 -27.27 13.34 0.17
N THR D 4 34.20 2.58 6.62
CA THR D 4 33.52 3.10 5.40
C THR D 4 32.24 3.86 5.77
N GLY D 5 31.77 3.83 7.04
CA GLY D 5 30.67 4.69 7.51
C GLY D 5 29.42 4.52 6.66
N ALA D 6 29.09 5.56 5.86
CA ALA D 6 27.95 5.57 4.94
C ALA D 6 28.20 4.70 3.71
N HIS D 7 29.45 4.26 3.52
CA HIS D 7 29.83 3.36 2.44
C HIS D 7 29.77 1.89 2.88
N GLU D 8 29.37 1.58 4.13
CA GLU D 8 29.19 0.19 4.55
C GLU D 8 28.25 -0.52 3.59
N ARG D 9 28.50 -1.83 3.34
CA ARG D 9 27.67 -2.61 2.46
C ARG D 9 27.25 -3.92 3.10
N THR D 10 26.08 -4.44 2.71
CA THR D 10 25.63 -5.75 3.16
C THR D 10 25.18 -6.55 1.96
N PHE D 11 25.20 -7.89 2.12
CA PHE D 11 24.67 -8.79 1.14
C PHE D 11 23.32 -9.33 1.63
N LEU D 12 22.32 -9.22 0.76
CA LEU D 12 21.01 -9.81 1.02
C LEU D 12 20.65 -10.71 -0.14
N ALA D 13 19.88 -11.77 0.15
CA ALA D 13 19.34 -12.63 -0.88
C ALA D 13 17.89 -13.03 -0.55
N VAL D 14 16.99 -12.82 -1.51
CA VAL D 14 15.65 -13.32 -1.42
C VAL D 14 15.75 -14.81 -1.74
N LYS D 15 15.30 -15.63 -0.79
CA LYS D 15 15.38 -17.08 -0.92
C LYS D 15 14.31 -17.57 -1.89
N PRO D 16 14.33 -18.85 -2.30
CA PRO D 16 13.35 -19.35 -3.29
C PRO D 16 11.89 -19.09 -2.91
N ASP D 17 11.56 -19.17 -1.62
CA ASP D 17 10.20 -18.94 -1.13
C ASP D 17 9.78 -17.49 -1.40
N GLY D 18 10.72 -16.54 -1.31
CA GLY D 18 10.40 -15.14 -1.57
C GLY D 18 10.05 -14.90 -3.03
N VAL D 19 10.76 -15.61 -3.93
CA VAL D 19 10.51 -15.49 -5.36
C VAL D 19 9.17 -16.13 -5.69
N GLN D 20 8.96 -17.36 -5.19
CA GLN D 20 7.75 -18.13 -5.48
C GLN D 20 6.52 -17.41 -4.94
N ARG D 21 6.63 -16.79 -3.76
CA ARG D 21 5.48 -16.09 -3.17
C ARG D 21 5.34 -14.66 -3.72
N ARG D 22 6.18 -14.26 -4.68
CA ARG D 22 6.03 -12.96 -5.32
C ARG D 22 6.26 -11.80 -4.36
N LEU D 23 7.26 -11.90 -3.51
CA LEU D 23 7.58 -10.86 -2.56
C LEU D 23 8.89 -10.13 -2.91
N VAL D 24 9.43 -10.29 -4.12
CA VAL D 24 10.70 -9.65 -4.45
C VAL D 24 10.57 -8.12 -4.41
N GLY D 25 9.61 -7.58 -5.15
CA GLY D 25 9.32 -6.15 -5.18
C GLY D 25 9.06 -5.59 -3.78
N GLU D 26 8.22 -6.30 -3.02
CA GLU D 26 7.87 -5.89 -1.67
C GLU D 26 9.12 -5.75 -0.81
N ILE D 27 10.05 -6.71 -0.94
CA ILE D 27 11.26 -6.69 -0.13
C ILE D 27 12.16 -5.54 -0.58
N VAL D 28 12.37 -5.42 -1.88
CA VAL D 28 13.24 -4.35 -2.40
C VAL D 28 12.69 -2.99 -1.98
N ARG D 29 11.37 -2.83 -2.08
CA ARG D 29 10.71 -1.57 -1.75
C ARG D 29 10.98 -1.19 -0.29
N ARG D 30 11.04 -2.15 0.62
CA ARG D 30 11.34 -1.81 2.00
C ARG D 30 12.73 -1.23 2.22
N PHE D 31 13.73 -1.76 1.51
CA PHE D 31 15.08 -1.21 1.61
C PHE D 31 15.17 0.13 0.89
N GLU D 32 14.47 0.27 -0.23
CA GLU D 32 14.46 1.53 -0.95
C GLU D 32 13.84 2.63 -0.09
N ARG D 33 12.72 2.33 0.58
CA ARG D 33 12.00 3.39 1.25
C ARG D 33 12.79 3.76 2.52
N LYS D 34 13.61 2.83 3.03
CA LYS D 34 14.42 3.09 4.20
C LYS D 34 15.56 4.07 3.88
N GLY D 35 15.94 4.15 2.61
CA GLY D 35 16.99 5.08 2.19
C GLY D 35 18.27 4.42 1.74
N PHE D 36 18.37 3.09 1.80
CA PHE D 36 19.63 2.47 1.43
C PHE D 36 19.78 2.49 -0.07
N LYS D 37 21.05 2.41 -0.49
CA LYS D 37 21.40 2.48 -1.90
C LYS D 37 21.64 1.08 -2.45
N LEU D 38 20.93 0.74 -3.53
CA LEU D 38 21.09 -0.53 -4.20
C LEU D 38 22.32 -0.44 -5.09
N VAL D 39 23.34 -1.27 -4.81
CA VAL D 39 24.56 -1.20 -5.58
C VAL D 39 24.82 -2.48 -6.40
N ALA D 40 24.08 -3.57 -6.14
CA ALA D 40 24.11 -4.74 -7.01
C ALA D 40 22.85 -5.56 -6.89
N LEU D 41 22.48 -6.24 -7.97
CA LEU D 41 21.23 -6.99 -8.02
C LEU D 41 21.31 -8.01 -9.15
N LYS D 42 20.95 -9.27 -8.85
CA LYS D 42 20.75 -10.22 -9.94
C LYS D 42 19.92 -11.40 -9.46
N LEU D 43 19.16 -11.95 -10.39
CA LEU D 43 18.49 -13.21 -10.22
C LEU D 43 19.45 -14.31 -10.69
N VAL D 44 19.75 -15.26 -9.79
CA VAL D 44 20.65 -16.36 -10.09
C VAL D 44 20.08 -17.66 -9.53
N GLN D 45 20.59 -18.75 -10.10
CA GLN D 45 20.46 -20.06 -9.53
C GLN D 45 21.81 -20.39 -8.92
N ALA D 46 21.92 -20.36 -7.59
CA ALA D 46 23.19 -20.58 -6.93
C ALA D 46 23.54 -22.08 -6.93
N SER D 47 24.82 -22.37 -7.15
CA SER D 47 25.34 -23.72 -7.12
C SER D 47 25.47 -24.17 -5.68
N GLU D 48 25.46 -25.51 -5.49
CA GLU D 48 25.73 -26.06 -4.17
C GLU D 48 27.12 -25.65 -3.70
N GLU D 49 28.08 -25.59 -4.63
CA GLU D 49 29.44 -25.21 -4.30
C GLU D 49 29.47 -23.82 -3.65
N LEU D 50 28.81 -22.85 -4.29
CA LEU D 50 28.75 -21.49 -3.75
C LEU D 50 28.05 -21.51 -2.39
N LEU D 51 26.94 -22.25 -2.30
CA LEU D 51 26.17 -22.20 -1.07
C LEU D 51 26.92 -22.83 0.09
N ARG D 52 27.69 -23.90 -0.16
CA ARG D 52 28.43 -24.56 0.91
C ARG D 52 29.44 -23.60 1.52
N GLU D 53 30.04 -22.73 0.68
CA GLU D 53 31.00 -21.75 1.17
C GLU D 53 30.26 -20.58 1.81
N HIS D 54 29.18 -20.14 1.21
CA HIS D 54 28.34 -19.11 1.82
C HIS D 54 28.01 -19.47 3.27
N TYR D 55 27.64 -20.75 3.49
CA TYR D 55 27.21 -21.19 4.80
C TYR D 55 28.30 -22.00 5.51
N ALA D 56 29.58 -21.73 5.21
CA ALA D 56 30.68 -22.50 5.76
C ALA D 56 30.64 -22.53 7.28
N GLU D 57 30.22 -21.43 7.92
CA GLU D 57 30.25 -21.36 9.37
C GLU D 57 29.18 -22.28 9.99
N LEU D 58 28.23 -22.75 9.18
CA LEU D 58 27.16 -23.61 9.67
C LEU D 58 27.39 -25.08 9.32
N ARG D 59 28.60 -25.44 8.87
CA ARG D 59 28.86 -26.75 8.27
C ARG D 59 28.64 -27.89 9.26
N GLU D 60 28.92 -27.65 10.55
CA GLU D 60 28.81 -28.66 11.59
C GLU D 60 27.39 -28.78 12.13
N ARG D 61 26.46 -27.93 11.68
CA ARG D 61 25.09 -27.93 12.20
C ARG D 61 24.24 -28.89 11.36
N PRO D 62 23.23 -29.55 11.97
CA PRO D 62 22.50 -30.64 11.29
C PRO D 62 21.59 -30.15 10.18
N PHE D 63 21.23 -28.85 10.16
CA PHE D 63 20.36 -28.32 9.10
C PHE D 63 21.14 -27.83 7.86
N TYR D 64 22.49 -27.85 7.94
CA TYR D 64 23.34 -27.35 6.87
C TYR D 64 22.99 -27.97 5.52
N GLY D 65 22.98 -29.30 5.46
CA GLY D 65 22.73 -30.00 4.22
C GLY D 65 21.40 -29.61 3.60
N ARG D 66 20.33 -29.52 4.40
CA ARG D 66 19.02 -29.24 3.81
C ARG D 66 18.91 -27.76 3.48
N LEU D 67 19.56 -26.92 4.28
CA LEU D 67 19.64 -25.50 3.92
C LEU D 67 20.32 -25.27 2.56
N VAL D 68 21.44 -25.93 2.34
CA VAL D 68 22.17 -25.81 1.08
C VAL D 68 21.30 -26.31 -0.07
N LYS D 69 20.66 -27.47 0.11
CA LYS D 69 19.85 -28.05 -0.94
C LYS D 69 18.67 -27.14 -1.27
N TYR D 70 18.03 -26.62 -0.23
CA TYR D 70 16.88 -25.76 -0.46
C TYR D 70 17.31 -24.51 -1.23
N MET D 71 18.40 -23.85 -0.79
CA MET D 71 18.81 -22.61 -1.42
C MET D 71 19.25 -22.83 -2.87
N ALA D 72 19.65 -24.06 -3.19
CA ALA D 72 20.05 -24.42 -4.55
C ALA D 72 18.85 -24.88 -5.37
N SER D 73 17.67 -24.97 -4.77
CA SER D 73 16.55 -25.65 -5.41
C SER D 73 15.83 -24.73 -6.41
N GLY D 74 16.07 -23.41 -6.34
CA GLY D 74 15.34 -22.51 -7.21
C GLY D 74 16.03 -21.15 -7.26
N PRO D 75 15.56 -20.19 -8.07
CA PRO D 75 16.21 -18.88 -8.15
C PRO D 75 16.17 -18.12 -6.84
N VAL D 76 17.27 -17.41 -6.60
CA VAL D 76 17.37 -16.43 -5.57
C VAL D 76 17.69 -15.07 -6.19
N VAL D 77 17.33 -14.01 -5.46
CA VAL D 77 17.64 -12.65 -5.86
C VAL D 77 18.74 -12.16 -4.92
N ALA D 78 19.94 -12.03 -5.49
CA ALA D 78 21.11 -11.58 -4.76
C ALA D 78 21.21 -10.06 -4.89
N MET D 79 21.65 -9.41 -3.82
CA MET D 79 21.63 -7.95 -3.75
C MET D 79 22.73 -7.48 -2.83
N VAL D 80 23.19 -6.25 -3.11
CA VAL D 80 24.06 -5.53 -2.22
C VAL D 80 23.46 -4.14 -1.99
N TRP D 81 23.40 -3.72 -0.72
CA TRP D 81 22.83 -2.47 -0.27
C TRP D 81 23.90 -1.71 0.50
N GLN D 82 23.91 -0.39 0.28
CA GLN D 82 24.91 0.47 0.90
C GLN D 82 24.25 1.57 1.73
N GLY D 83 24.84 1.83 2.90
CA GLY D 83 24.49 2.97 3.74
C GLY D 83 25.03 2.79 5.15
N LEU D 84 24.85 3.82 5.97
CA LEU D 84 25.31 3.85 7.34
C LEU D 84 24.65 2.73 8.12
N ASP D 85 25.48 1.88 8.73
CA ASP D 85 25.00 0.84 9.63
C ASP D 85 24.09 -0.14 8.90
N VAL D 86 24.26 -0.25 7.57
CA VAL D 86 23.36 -1.05 6.76
C VAL D 86 23.30 -2.53 7.20
N VAL D 87 24.38 -3.11 7.72
CA VAL D 87 24.35 -4.54 8.08
C VAL D 87 23.40 -4.74 9.28
N ARG D 88 23.66 -4.01 10.37
CA ARG D 88 22.84 -4.10 11.56
C ARG D 88 21.39 -3.70 11.28
N THR D 89 21.17 -2.62 10.51
CA THR D 89 19.83 -2.12 10.27
C THR D 89 19.04 -3.08 9.37
N SER D 90 19.69 -3.63 8.35
CA SER D 90 19.10 -4.66 7.51
C SER D 90 18.60 -5.84 8.33
N ARG D 91 19.39 -6.27 9.31
CA ARG D 91 19.02 -7.40 10.13
C ARG D 91 17.78 -7.02 10.93
N ALA D 92 17.72 -5.77 11.41
CA ALA D 92 16.53 -5.32 12.14
C ALA D 92 15.31 -5.32 11.23
N LEU D 93 15.45 -4.83 9.99
CA LEU D 93 14.29 -4.78 9.10
C LEU D 93 13.79 -6.18 8.79
N ILE D 94 14.74 -7.13 8.64
CA ILE D 94 14.40 -8.50 8.31
C ILE D 94 13.68 -9.18 9.46
N GLY D 95 14.21 -9.00 10.68
CA GLY D 95 13.68 -9.63 11.86
C GLY D 95 14.43 -10.91 12.22
N ALA D 96 14.13 -11.43 13.40
CA ALA D 96 14.79 -12.61 13.96
C ALA D 96 14.76 -13.78 12.99
N THR D 97 15.79 -14.63 13.10
CA THR D 97 15.97 -15.82 12.26
C THR D 97 14.69 -16.64 12.26
N ASN D 98 14.23 -16.95 13.47
CA ASN D 98 12.96 -17.64 13.64
C ASN D 98 11.81 -16.64 13.58
N PRO D 99 10.94 -16.71 12.56
CA PRO D 99 9.86 -15.75 12.42
C PRO D 99 8.94 -15.66 13.62
N ALA D 100 8.87 -16.71 14.45
CA ALA D 100 8.08 -16.67 15.67
C ALA D 100 8.55 -15.57 16.62
N ASP D 101 9.83 -15.18 16.53
CA ASP D 101 10.41 -14.19 17.41
C ASP D 101 10.54 -12.83 16.72
N ALA D 102 10.10 -12.73 15.45
CA ALA D 102 10.23 -11.52 14.68
C ALA D 102 8.97 -10.68 14.84
N PRO D 103 9.01 -9.46 15.39
CA PRO D 103 7.76 -8.72 15.59
C PRO D 103 7.16 -8.24 14.27
N PRO D 104 5.84 -8.00 14.27
CA PRO D 104 5.16 -7.34 13.16
C PRO D 104 5.88 -6.02 12.84
N GLY D 105 5.91 -5.67 11.56
CA GLY D 105 6.70 -4.56 11.04
C GLY D 105 7.99 -5.02 10.34
N THR D 106 8.60 -6.11 10.83
CA THR D 106 9.71 -6.76 10.15
C THR D 106 9.21 -7.62 8.98
N ILE D 107 10.14 -7.94 8.07
CA ILE D 107 9.80 -8.74 6.90
C ILE D 107 9.31 -10.11 7.36
N ARG D 108 10.05 -10.75 8.28
CA ARG D 108 9.67 -12.10 8.68
C ARG D 108 8.44 -12.06 9.59
N GLY D 109 8.35 -11.00 10.40
CA GLY D 109 7.21 -10.77 11.28
C GLY D 109 5.90 -10.66 10.50
N ASP D 110 5.97 -10.01 9.34
CA ASP D 110 4.81 -9.76 8.52
C ASP D 110 4.48 -10.92 7.57
N PHE D 111 5.49 -11.64 7.08
CA PHE D 111 5.32 -12.51 5.91
C PHE D 111 5.64 -14.00 6.16
N CYS D 112 6.23 -14.39 7.29
CA CYS D 112 6.66 -15.78 7.47
C CYS D 112 6.27 -16.40 8.79
N ILE D 113 6.36 -17.73 8.79
CA ILE D 113 5.92 -18.55 9.92
C ILE D 113 7.08 -19.39 10.43
N GLU D 114 7.84 -20.05 9.52
CA GLU D 114 8.79 -21.05 10.00
C GLU D 114 10.22 -20.72 9.61
N VAL D 115 11.17 -21.17 10.44
CA VAL D 115 12.56 -20.81 10.32
C VAL D 115 13.14 -21.26 8.98
N GLY D 116 12.67 -22.38 8.42
CA GLY D 116 13.24 -22.89 7.17
C GLY D 116 12.66 -22.20 5.95
N LYS D 117 11.62 -21.40 6.16
CA LYS D 117 10.98 -20.65 5.08
C LYS D 117 10.83 -19.20 5.54
N ASN D 118 11.96 -18.51 5.62
CA ASN D 118 12.05 -17.21 6.25
C ASN D 118 12.54 -16.15 5.27
N LEU D 119 12.32 -16.42 3.97
CA LEU D 119 12.20 -15.46 2.88
C LEU D 119 13.53 -14.88 2.38
N ILE D 120 14.48 -14.62 3.28
CA ILE D 120 15.59 -13.77 2.95
C ILE D 120 16.80 -14.13 3.79
N HIS D 121 18.00 -13.94 3.23
CA HIS D 121 19.27 -14.00 3.95
C HIS D 121 19.84 -12.59 4.04
N GLY D 122 20.42 -12.23 5.20
CA GLY D 122 21.21 -11.03 5.31
C GLY D 122 22.49 -11.30 6.07
N SER D 123 23.61 -10.67 5.66
CA SER D 123 24.87 -10.80 6.36
C SER D 123 24.68 -10.48 7.83
N ASP D 124 25.41 -11.15 8.73
CA ASP D 124 25.25 -10.94 10.14
C ASP D 124 26.31 -10.02 10.74
N SER D 125 27.28 -9.54 9.92
CA SER D 125 28.34 -8.68 10.39
C SER D 125 29.00 -8.05 9.17
N VAL D 126 29.77 -6.99 9.40
CA VAL D 126 30.50 -6.33 8.33
C VAL D 126 31.46 -7.35 7.70
N GLU D 127 32.13 -8.17 8.53
CA GLU D 127 33.08 -9.15 8.00
C GLU D 127 32.35 -10.20 7.16
N SER D 128 31.20 -10.69 7.62
CA SER D 128 30.42 -11.66 6.83
C SER D 128 30.00 -11.04 5.51
N ALA D 129 29.59 -9.77 5.54
CA ALA D 129 29.16 -9.10 4.31
C ALA D 129 30.32 -8.99 3.31
N ARG D 130 31.50 -8.61 3.78
CA ARG D 130 32.66 -8.53 2.95
C ARG D 130 32.89 -9.86 2.19
N ARG D 131 32.83 -10.96 2.93
CA ARG D 131 33.07 -12.25 2.32
C ARG D 131 31.96 -12.61 1.34
N GLU D 132 30.70 -12.39 1.74
CA GLU D 132 29.56 -12.81 0.94
C GLU D 132 29.48 -11.97 -0.33
N ILE D 133 29.77 -10.67 -0.21
CA ILE D 133 29.77 -9.82 -1.40
C ILE D 133 30.77 -10.34 -2.44
N ALA D 134 31.98 -10.66 -1.98
CA ALA D 134 33.04 -11.14 -2.87
C ALA D 134 32.69 -12.52 -3.47
N LEU D 135 32.00 -13.35 -2.69
CA LEU D 135 31.65 -14.68 -3.13
C LEU D 135 30.57 -14.64 -4.21
N TRP D 136 29.60 -13.72 -4.09
CA TRP D 136 28.46 -13.70 -5.00
C TRP D 136 28.62 -12.75 -6.17
N PHE D 137 29.43 -11.69 -6.03
CA PHE D 137 29.53 -10.65 -7.06
C PHE D 137 30.99 -10.28 -7.37
N ARG D 138 31.24 -10.01 -8.65
CA ARG D 138 32.48 -9.42 -9.10
C ARG D 138 32.47 -7.94 -8.80
N ALA D 139 33.65 -7.31 -8.71
CA ALA D 139 33.77 -5.86 -8.53
C ALA D 139 32.96 -5.13 -9.60
N ASP D 140 32.94 -5.60 -10.83
CA ASP D 140 32.29 -4.83 -11.89
C ASP D 140 30.77 -5.01 -11.90
N GLU D 141 30.22 -5.79 -10.94
CA GLU D 141 28.78 -5.87 -10.76
C GLU D 141 28.30 -4.92 -9.66
N LEU D 142 29.24 -4.33 -8.90
CA LEU D 142 28.89 -3.39 -7.84
C LEU D 142 28.99 -1.99 -8.42
N LEU D 143 27.88 -1.25 -8.47
CA LEU D 143 27.85 0.01 -9.18
C LEU D 143 27.96 1.20 -8.22
N CYS D 144 28.84 2.15 -8.56
CA CYS D 144 28.85 3.48 -7.98
C CYS D 144 27.92 4.34 -8.79
N TRP D 145 26.94 4.93 -8.13
CA TRP D 145 26.15 5.93 -8.77
C TRP D 145 25.95 7.07 -7.79
N GLU D 146 25.81 8.27 -8.34
CA GLU D 146 25.64 9.46 -7.54
C GLU D 146 24.17 9.51 -7.11
N ASP D 147 23.95 9.38 -5.81
CA ASP D 147 22.63 9.20 -5.23
C ASP D 147 22.05 10.56 -4.85
N SER D 148 21.14 11.08 -5.65
CA SER D 148 20.55 12.39 -5.37
C SER D 148 19.72 12.41 -4.08
N ALA D 149 19.31 11.24 -3.55
CA ALA D 149 18.55 11.19 -2.31
C ALA D 149 19.48 11.37 -1.10
N GLY D 150 20.78 11.09 -1.27
CA GLY D 150 21.77 11.07 -0.21
C GLY D 150 21.79 12.36 0.63
N HIS D 151 21.63 13.53 -0.02
CA HIS D 151 21.58 14.80 0.68
C HIS D 151 20.42 14.83 1.71
N TRP D 152 19.36 14.04 1.50
CA TRP D 152 18.19 14.07 2.39
C TRP D 152 18.20 12.91 3.41
N LEU D 153 19.18 12.01 3.31
CA LEU D 153 19.36 10.88 4.23
C LEU D 153 20.52 11.07 5.20
N TYR D 154 21.55 11.87 4.81
CA TYR D 154 22.77 12.01 5.57
C TYR D 154 23.01 13.50 5.84
N GLU D 155 23.62 13.83 6.98
CA GLU D 155 24.01 15.20 7.23
C GLU D 155 25.32 15.44 6.47
N THR E 4 -7.61 17.33 29.41
CA THR E 4 -8.40 17.39 28.15
C THR E 4 -8.60 15.98 27.57
N GLY E 5 -7.94 14.91 28.08
CA GLY E 5 -8.29 13.53 27.75
C GLY E 5 -8.20 13.29 26.24
N ALA E 6 -9.38 13.11 25.59
CA ALA E 6 -9.47 12.90 24.13
C ALA E 6 -9.26 14.20 23.36
N HIS E 7 -9.23 15.33 24.08
CA HIS E 7 -8.97 16.64 23.51
C HIS E 7 -7.48 17.00 23.59
N GLU E 8 -6.61 16.10 24.11
CA GLU E 8 -5.17 16.34 24.07
C GLU E 8 -4.72 16.61 22.64
N ARG E 9 -3.72 17.49 22.47
CA ARG E 9 -3.20 17.86 21.17
C ARG E 9 -1.68 17.79 21.16
N THR E 10 -1.11 17.47 19.98
CA THR E 10 0.34 17.53 19.83
C THR E 10 0.67 18.31 18.57
N PHE E 11 1.91 18.82 18.54
CA PHE E 11 2.44 19.49 17.36
C PHE E 11 3.41 18.53 16.65
N LEU E 12 3.16 18.35 15.35
CA LEU E 12 4.07 17.58 14.50
C LEU E 12 4.51 18.48 13.35
N ALA E 13 5.72 18.23 12.86
CA ALA E 13 6.19 18.86 11.65
C ALA E 13 6.99 17.88 10.80
N VAL E 14 6.62 17.76 9.53
CA VAL E 14 7.42 17.06 8.55
C VAL E 14 8.58 17.99 8.21
N LYS E 15 9.79 17.50 8.46
CA LYS E 15 11.00 18.26 8.26
C LYS E 15 11.31 18.35 6.76
N PRO E 16 12.24 19.23 6.33
CA PRO E 16 12.50 19.41 4.91
C PRO E 16 12.77 18.14 4.11
N ASP E 17 13.48 17.17 4.73
CA ASP E 17 13.79 15.88 4.11
C ASP E 17 12.50 15.12 3.80
N GLY E 18 11.47 15.26 4.66
CA GLY E 18 10.24 14.55 4.42
C GLY E 18 9.48 15.11 3.23
N VAL E 19 9.56 16.44 3.03
CA VAL E 19 8.92 17.08 1.89
C VAL E 19 9.68 16.69 0.63
N GLN E 20 11.02 16.84 0.65
CA GLN E 20 11.86 16.56 -0.50
C GLN E 20 11.74 15.10 -0.93
N ARG E 21 11.64 14.17 0.02
CA ARG E 21 11.52 12.75 -0.31
C ARG E 21 10.08 12.34 -0.59
N ARG E 22 9.15 13.28 -0.60
CA ARG E 22 7.77 13.01 -0.98
C ARG E 22 7.07 12.05 -0.01
N LEU E 23 7.27 12.24 1.30
CA LEU E 23 6.67 11.40 2.31
C LEU E 23 5.60 12.13 3.13
N VAL E 24 5.11 13.30 2.67
CA VAL E 24 4.13 14.04 3.44
C VAL E 24 2.83 13.22 3.56
N GLY E 25 2.27 12.79 2.42
CA GLY E 25 1.05 12.00 2.41
C GLY E 25 1.19 10.72 3.22
N GLU E 26 2.32 10.04 3.06
CA GLU E 26 2.60 8.82 3.80
C GLU E 26 2.50 9.07 5.30
N ILE E 27 3.06 10.18 5.76
CA ILE E 27 3.09 10.48 7.18
C ILE E 27 1.69 10.84 7.64
N VAL E 28 1.01 11.71 6.90
CA VAL E 28 -0.33 12.11 7.29
C VAL E 28 -1.23 10.87 7.39
N ARG E 29 -1.12 10.00 6.40
CA ARG E 29 -1.93 8.78 6.31
C ARG E 29 -1.74 7.91 7.55
N ARG E 30 -0.54 7.83 8.09
CA ARG E 30 -0.34 7.05 9.31
C ARG E 30 -1.10 7.58 10.54
N PHE E 31 -1.18 8.90 10.70
CA PHE E 31 -1.92 9.49 11.79
C PHE E 31 -3.42 9.39 11.52
N GLU E 32 -3.81 9.52 10.25
CA GLU E 32 -5.23 9.37 9.91
C GLU E 32 -5.70 7.95 10.20
N ARG E 33 -4.89 6.96 9.83
CA ARG E 33 -5.38 5.58 9.92
C ARG E 33 -5.38 5.16 11.40
N LYS E 34 -4.55 5.83 12.21
CA LYS E 34 -4.50 5.55 13.64
C LYS E 34 -5.77 6.03 14.34
N GLY E 35 -6.45 7.03 13.75
CA GLY E 35 -7.68 7.55 14.32
C GLY E 35 -7.56 8.98 14.88
N PHE E 36 -6.39 9.60 14.82
CA PHE E 36 -6.26 10.93 15.37
C PHE E 36 -6.95 11.94 14.46
N LYS E 37 -7.33 13.06 15.08
CA LYS E 37 -8.08 14.11 14.40
C LYS E 37 -7.12 15.24 14.00
N LEU E 38 -7.08 15.57 12.71
CA LEU E 38 -6.25 16.67 12.21
C LEU E 38 -6.99 17.98 12.50
N VAL E 39 -6.38 18.83 13.32
CA VAL E 39 -7.03 20.09 13.67
C VAL E 39 -6.27 21.32 13.12
N ALA E 40 -5.05 21.15 12.60
CA ALA E 40 -4.38 22.21 11.87
C ALA E 40 -3.31 21.65 10.95
N LEU E 41 -3.04 22.39 9.87
CA LEU E 41 -2.14 21.94 8.83
C LEU E 41 -1.71 23.13 8.00
N LYS E 42 -0.41 23.29 7.76
CA LYS E 42 0.05 24.25 6.77
C LYS E 42 1.49 23.96 6.36
N LEU E 43 1.78 24.32 5.13
CA LEU E 43 3.14 24.32 4.60
C LEU E 43 3.70 25.71 4.86
N VAL E 44 4.81 25.77 5.59
CA VAL E 44 5.49 27.02 5.93
C VAL E 44 7.00 26.86 5.78
N GLN E 45 7.64 28.02 5.68
CA GLN E 45 9.06 28.16 5.78
C GLN E 45 9.34 28.77 7.14
N ALA E 46 9.86 28.01 8.09
CA ALA E 46 10.12 28.56 9.41
C ALA E 46 11.38 29.43 9.40
N SER E 47 11.33 30.57 10.11
CA SER E 47 12.48 31.42 10.31
C SER E 47 13.40 30.79 11.34
N GLU E 48 14.67 31.20 11.27
CA GLU E 48 15.66 30.80 12.25
C GLU E 48 15.23 31.27 13.64
N GLU E 49 14.62 32.47 13.71
CA GLU E 49 14.17 33.04 14.96
C GLU E 49 13.17 32.10 15.64
N LEU E 50 12.15 31.65 14.89
CA LEU E 50 11.16 30.73 15.42
C LEU E 50 11.86 29.44 15.85
N LEU E 51 12.76 28.93 15.00
CA LEU E 51 13.32 27.62 15.28
C LEU E 51 14.23 27.68 16.51
N ARG E 52 14.94 28.79 16.74
CA ARG E 52 15.81 28.90 17.89
C ARG E 52 15.00 28.79 19.19
N GLU E 53 13.77 29.32 19.16
CA GLU E 53 12.88 29.24 20.31
C GLU E 53 12.23 27.86 20.38
N HIS E 54 11.82 27.32 19.23
CA HIS E 54 11.27 25.97 19.19
C HIS E 54 12.25 25.01 19.86
N TYR E 55 13.56 25.16 19.60
CA TYR E 55 14.56 24.24 20.12
C TYR E 55 15.36 24.87 21.26
N ALA E 56 14.76 25.79 22.02
CA ALA E 56 15.46 26.52 23.07
C ALA E 56 16.17 25.56 24.04
N GLU E 57 15.54 24.44 24.35
CA GLU E 57 16.08 23.52 25.35
C GLU E 57 17.35 22.84 24.83
N LEU E 58 17.60 22.91 23.53
CA LEU E 58 18.76 22.26 22.93
C LEU E 58 19.89 23.25 22.65
N ARG E 59 19.80 24.48 23.17
CA ARG E 59 20.66 25.57 22.73
C ARG E 59 22.14 25.32 23.05
N GLU E 60 22.43 24.59 24.13
CA GLU E 60 23.80 24.34 24.55
C GLU E 60 24.37 23.09 23.86
N ARG E 61 23.57 22.39 23.05
CA ARG E 61 24.01 21.14 22.44
C ARG E 61 24.76 21.40 21.14
N PRO E 62 25.71 20.52 20.77
CA PRO E 62 26.61 20.80 19.63
C PRO E 62 25.92 20.75 18.27
N PHE E 63 24.78 20.06 18.16
CA PHE E 63 24.04 19.95 16.90
C PHE E 63 23.02 21.09 16.71
N TYR E 64 22.85 21.95 17.73
CA TYR E 64 21.79 22.97 17.73
C TYR E 64 21.88 23.86 16.48
N GLY E 65 23.06 24.43 16.25
CA GLY E 65 23.29 25.31 15.12
C GLY E 65 22.88 24.68 13.80
N ARG E 66 23.32 23.44 13.56
CA ARG E 66 23.06 22.77 12.30
C ARG E 66 21.59 22.38 12.21
N LEU E 67 21.02 21.95 13.34
CA LEU E 67 19.60 21.63 13.37
C LEU E 67 18.74 22.84 12.99
N VAL E 68 19.05 24.01 13.58
CA VAL E 68 18.29 25.22 13.28
C VAL E 68 18.44 25.57 11.81
N LYS E 69 19.68 25.54 11.29
CA LYS E 69 19.92 25.92 9.91
C LYS E 69 19.20 24.96 8.96
N TYR E 70 19.29 23.66 9.26
CA TYR E 70 18.62 22.71 8.42
C TYR E 70 17.10 22.92 8.41
N MET E 71 16.48 23.06 9.59
CA MET E 71 15.03 23.20 9.65
C MET E 71 14.55 24.51 8.98
N ALA E 72 15.45 25.50 8.88
CA ALA E 72 15.15 26.74 8.19
C ALA E 72 15.45 26.66 6.70
N SER E 73 16.02 25.54 6.23
CA SER E 73 16.60 25.52 4.89
C SER E 73 15.54 25.29 3.83
N GLY E 74 14.34 24.84 4.19
CA GLY E 74 13.34 24.48 3.20
C GLY E 74 11.97 24.32 3.87
N PRO E 75 10.89 24.10 3.11
CA PRO E 75 9.55 24.05 3.70
C PRO E 75 9.38 22.88 4.68
N VAL E 76 8.59 23.16 5.72
CA VAL E 76 8.09 22.12 6.60
C VAL E 76 6.57 22.10 6.55
N VAL E 77 6.01 20.91 6.89
CA VAL E 77 4.57 20.77 7.02
C VAL E 77 4.26 20.70 8.51
N ALA E 78 3.64 21.78 9.00
CA ALA E 78 3.28 21.93 10.39
C ALA E 78 1.86 21.39 10.58
N MET E 79 1.64 20.74 11.71
CA MET E 79 0.39 20.04 11.95
C MET E 79 0.08 20.03 13.44
N VAL E 80 -1.23 19.95 13.72
CA VAL E 80 -1.70 19.64 15.05
C VAL E 80 -2.70 18.49 14.95
N TRP E 81 -2.50 17.50 15.82
CA TRP E 81 -3.33 16.31 15.89
C TRP E 81 -3.94 16.22 17.27
N GLN E 82 -5.19 15.74 17.30
CA GLN E 82 -5.94 15.64 18.53
C GLN E 82 -6.42 14.20 18.78
N GLY E 83 -6.27 13.74 20.02
CA GLY E 83 -6.89 12.52 20.50
C GLY E 83 -6.28 12.09 21.82
N LEU E 84 -6.83 11.02 22.38
CA LEU E 84 -6.40 10.47 23.64
C LEU E 84 -4.94 10.07 23.56
N ASP E 85 -4.13 10.62 24.47
CA ASP E 85 -2.74 10.23 24.61
C ASP E 85 -1.96 10.50 23.33
N VAL E 86 -2.42 11.50 22.54
CA VAL E 86 -1.83 11.76 21.24
C VAL E 86 -0.34 12.11 21.31
N VAL E 87 0.14 12.75 22.38
CA VAL E 87 1.54 13.16 22.44
C VAL E 87 2.42 11.91 22.54
N ARG E 88 2.17 11.10 23.56
CA ARG E 88 2.93 9.89 23.80
C ARG E 88 2.81 8.92 22.63
N THR E 89 1.60 8.75 22.09
CA THR E 89 1.37 7.77 21.03
C THR E 89 2.02 8.23 19.72
N SER E 90 1.93 9.52 19.41
CA SER E 90 2.65 10.10 18.27
C SER E 90 4.12 9.79 18.32
N ARG E 91 4.72 9.91 19.52
CA ARG E 91 6.14 9.68 19.65
C ARG E 91 6.42 8.21 19.36
N ALA E 92 5.54 7.32 19.81
CA ALA E 92 5.71 5.89 19.54
C ALA E 92 5.61 5.63 18.04
N LEU E 93 4.66 6.26 17.34
CA LEU E 93 4.50 5.99 15.93
C LEU E 93 5.72 6.50 15.15
N ILE E 94 6.28 7.62 15.62
CA ILE E 94 7.44 8.22 14.97
C ILE E 94 8.68 7.37 15.17
N GLY E 95 8.88 6.90 16.39
CA GLY E 95 10.05 6.10 16.74
C GLY E 95 11.16 6.93 17.38
N ALA E 96 12.19 6.24 17.87
CA ALA E 96 13.30 6.86 18.58
C ALA E 96 13.97 7.96 17.73
N THR E 97 14.55 8.93 18.45
CA THR E 97 15.22 10.08 17.85
C THR E 97 16.22 9.62 16.80
N ASN E 98 17.09 8.70 17.23
CA ASN E 98 18.04 8.09 16.33
C ASN E 98 17.38 6.93 15.60
N PRO E 99 17.19 7.02 14.27
CA PRO E 99 16.49 5.98 13.52
C PRO E 99 17.11 4.59 13.69
N ALA E 100 18.38 4.51 14.03
CA ALA E 100 19.02 3.22 14.27
C ALA E 100 18.38 2.49 15.45
N ASP E 101 17.73 3.22 16.37
CA ASP E 101 17.09 2.61 17.52
C ASP E 101 15.58 2.49 17.34
N ALA E 102 15.07 2.91 16.18
CA ALA E 102 13.65 2.94 15.92
C ALA E 102 13.25 1.65 15.23
N PRO E 103 12.39 0.79 15.80
CA PRO E 103 12.09 -0.47 15.13
C PRO E 103 11.29 -0.26 13.84
N PRO E 104 11.37 -1.26 12.94
CA PRO E 104 10.48 -1.30 11.77
C PRO E 104 9.01 -1.22 12.25
N GLY E 105 8.16 -0.57 11.46
CA GLY E 105 6.79 -0.23 11.84
C GLY E 105 6.62 1.24 12.22
N THR E 106 7.66 1.83 12.82
CA THR E 106 7.71 3.26 13.09
C THR E 106 8.10 4.03 11.82
N ILE E 107 7.79 5.32 11.84
CA ILE E 107 8.10 6.16 10.69
C ILE E 107 9.60 6.15 10.49
N ARG E 108 10.38 6.37 11.55
CA ARG E 108 11.81 6.49 11.37
C ARG E 108 12.45 5.14 11.11
N GLY E 109 11.88 4.10 11.72
CA GLY E 109 12.32 2.73 11.51
C GLY E 109 12.16 2.31 10.04
N ASP E 110 11.08 2.74 9.42
CA ASP E 110 10.79 2.37 8.03
C ASP E 110 11.46 3.27 6.99
N PHE E 111 11.68 4.57 7.31
CA PHE E 111 12.00 5.57 6.29
C PHE E 111 13.33 6.29 6.48
N CYS E 112 14.02 6.14 7.62
CA CYS E 112 15.22 6.94 7.85
C CYS E 112 16.40 6.17 8.39
N ILE E 113 17.56 6.85 8.27
CA ILE E 113 18.83 6.21 8.60
C ILE E 113 19.54 7.00 9.70
N GLU E 114 19.62 8.33 9.56
CA GLU E 114 20.51 9.08 10.40
C GLU E 114 19.73 10.12 11.22
N VAL E 115 20.27 10.45 12.40
CA VAL E 115 19.58 11.25 13.39
C VAL E 115 19.29 12.66 12.85
N GLY E 116 20.17 13.20 12.00
CA GLY E 116 19.99 14.56 11.50
C GLY E 116 19.00 14.63 10.33
N LYS E 117 18.63 13.46 9.81
CA LYS E 117 17.64 13.40 8.73
C LYS E 117 16.57 12.38 9.13
N ASN E 118 15.76 12.78 10.11
CA ASN E 118 14.84 11.84 10.75
C ASN E 118 13.38 12.28 10.57
N LEU E 119 13.14 13.06 9.51
CA LEU E 119 11.86 13.19 8.80
C LEU E 119 10.82 14.08 9.49
N ILE E 120 10.75 14.03 10.81
CA ILE E 120 9.59 14.56 11.48
C ILE E 120 9.99 15.01 12.89
N HIS E 121 9.31 16.07 13.37
CA HIS E 121 9.36 16.49 14.76
C HIS E 121 8.01 16.19 15.39
N GLY E 122 8.04 15.71 16.63
CA GLY E 122 6.84 15.63 17.45
C GLY E 122 7.11 16.13 18.85
N SER E 123 6.16 16.87 19.44
CA SER E 123 6.30 17.33 20.81
C SER E 123 6.65 16.16 21.71
N ASP E 124 7.44 16.41 22.74
CA ASP E 124 7.87 15.32 23.63
C ASP E 124 7.04 15.26 24.92
N SER E 125 6.10 16.17 25.13
CA SER E 125 5.27 16.24 26.32
C SER E 125 4.08 17.14 26.05
N VAL E 126 3.06 17.04 26.90
CA VAL E 126 1.91 17.91 26.82
C VAL E 126 2.35 19.38 26.96
N GLU E 127 3.28 19.67 27.86
CA GLU E 127 3.79 21.04 28.04
C GLU E 127 4.50 21.52 26.78
N SER E 128 5.35 20.69 26.17
CA SER E 128 6.04 21.05 24.96
C SER E 128 5.02 21.32 23.85
N ALA E 129 3.98 20.49 23.78
CA ALA E 129 2.98 20.63 22.73
C ALA E 129 2.23 21.96 22.88
N ARG E 130 1.86 22.31 24.12
CA ARG E 130 1.20 23.59 24.37
C ARG E 130 2.03 24.74 23.82
N ARG E 131 3.33 24.74 24.13
CA ARG E 131 4.20 25.84 23.71
C ARG E 131 4.30 25.83 22.18
N GLU E 132 4.50 24.65 21.58
CA GLU E 132 4.82 24.56 20.17
C GLU E 132 3.58 24.91 19.36
N ILE E 133 2.41 24.48 19.83
CA ILE E 133 1.19 24.79 19.11
C ILE E 133 0.98 26.31 19.06
N ALA E 134 1.19 26.97 20.19
CA ALA E 134 1.03 28.43 20.30
C ALA E 134 2.07 29.18 19.46
N LEU E 135 3.28 28.61 19.37
CA LEU E 135 4.36 29.26 18.66
C LEU E 135 4.15 29.18 17.16
N TRP E 136 3.59 28.06 16.68
CA TRP E 136 3.50 27.85 15.24
C TRP E 136 2.14 28.21 14.66
N PHE E 137 1.07 28.19 15.47
CA PHE E 137 -0.27 28.42 14.95
C PHE E 137 -1.04 29.42 15.82
N ARG E 138 -1.87 30.24 15.18
CA ARG E 138 -2.85 31.07 15.84
C ARG E 138 -4.02 30.21 16.28
N ALA E 139 -4.79 30.67 17.27
CA ALA E 139 -6.01 29.98 17.69
C ALA E 139 -6.95 29.80 16.51
N ASP E 140 -7.02 30.75 15.58
CA ASP E 140 -7.99 30.68 14.50
C ASP E 140 -7.52 29.77 13.37
N GLU E 141 -6.32 29.15 13.49
CA GLU E 141 -5.88 28.12 12.55
C GLU E 141 -6.21 26.71 13.06
N LEU E 142 -6.64 26.58 14.33
CA LEU E 142 -6.96 25.30 14.93
C LEU E 142 -8.47 25.09 14.79
N LEU E 143 -8.89 24.07 14.05
CA LEU E 143 -10.30 23.95 13.69
C LEU E 143 -11.01 22.90 14.55
N CYS E 144 -12.19 23.26 15.05
CA CYS E 144 -13.10 22.31 15.67
C CYS E 144 -14.03 21.77 14.59
N TRP E 145 -14.04 20.46 14.43
CA TRP E 145 -15.02 19.89 13.53
C TRP E 145 -15.59 18.64 14.17
N GLU E 146 -16.83 18.34 13.79
CA GLU E 146 -17.55 17.20 14.28
C GLU E 146 -17.02 15.96 13.57
N ASP E 147 -16.36 15.09 14.32
CA ASP E 147 -15.67 13.93 13.79
C ASP E 147 -16.59 12.71 13.79
N SER E 148 -17.17 12.37 12.65
CA SER E 148 -18.04 11.21 12.53
C SER E 148 -17.34 9.86 12.83
N ALA E 149 -15.99 9.81 12.78
CA ALA E 149 -15.28 8.58 13.08
C ALA E 149 -15.19 8.36 14.60
N GLY E 150 -15.32 9.45 15.38
CA GLY E 150 -15.09 9.44 16.82
C GLY E 150 -15.86 8.35 17.56
N HIS E 151 -17.13 8.09 17.17
CA HIS E 151 -17.93 7.04 17.80
C HIS E 151 -17.24 5.67 17.66
N TRP E 152 -16.39 5.47 16.65
CA TRP E 152 -15.77 4.16 16.41
C TRP E 152 -14.35 4.09 16.94
N LEU E 153 -13.81 5.20 17.46
CA LEU E 153 -12.51 5.27 18.08
C LEU E 153 -12.56 5.35 19.61
N TYR E 154 -13.66 5.88 20.18
CA TYR E 154 -13.75 6.19 21.60
C TYR E 154 -14.99 5.51 22.15
N GLU E 155 -14.91 5.01 23.39
CA GLU E 155 -16.13 4.46 24.01
C GLU E 155 -16.81 5.68 24.62
N THR F 4 -1.65 -30.62 16.98
CA THR F 4 -2.02 -30.40 15.56
C THR F 4 -0.96 -29.55 14.83
N GLY F 5 0.04 -28.97 15.53
CA GLY F 5 1.20 -28.35 14.89
C GLY F 5 0.78 -27.26 13.90
N ALA F 6 0.97 -27.55 12.59
CA ALA F 6 0.60 -26.65 11.49
C ALA F 6 -0.91 -26.64 11.26
N HIS F 7 -1.65 -27.55 11.91
CA HIS F 7 -3.10 -27.61 11.86
C HIS F 7 -3.72 -26.85 13.04
N GLU F 8 -2.94 -26.21 13.91
CA GLU F 8 -3.51 -25.35 14.96
C GLU F 8 -4.43 -24.30 14.35
N ARG F 9 -5.52 -23.96 15.05
CA ARG F 9 -6.51 -23.01 14.57
C ARG F 9 -6.82 -21.97 15.62
N THR F 10 -7.13 -20.73 15.18
CA THR F 10 -7.58 -19.70 16.11
C THR F 10 -8.87 -19.08 15.58
N PHE F 11 -9.62 -18.47 16.51
CA PHE F 11 -10.81 -17.74 16.16
C PHE F 11 -10.50 -16.24 16.26
N LEU F 12 -10.81 -15.53 15.18
CA LEU F 12 -10.70 -14.08 15.14
C LEU F 12 -12.05 -13.49 14.75
N ALA F 13 -12.34 -12.30 15.30
CA ALA F 13 -13.52 -11.56 14.88
C ALA F 13 -13.19 -10.07 14.74
N VAL F 14 -13.53 -9.49 13.60
CA VAL F 14 -13.48 -8.05 13.41
C VAL F 14 -14.72 -7.51 14.13
N LYS F 15 -14.46 -6.65 15.11
CA LYS F 15 -15.52 -6.05 15.90
C LYS F 15 -16.26 -5.00 15.09
N PRO F 16 -17.42 -4.49 15.56
CA PRO F 16 -18.22 -3.54 14.78
C PRO F 16 -17.46 -2.31 14.28
N ASP F 17 -16.51 -1.80 15.09
CA ASP F 17 -15.68 -0.64 14.71
C ASP F 17 -14.83 -0.97 13.49
N GLY F 18 -14.37 -2.23 13.36
CA GLY F 18 -13.56 -2.61 12.23
C GLY F 18 -14.37 -2.63 10.94
N VAL F 19 -15.63 -3.04 11.03
CA VAL F 19 -16.53 -3.05 9.89
C VAL F 19 -16.87 -1.61 9.50
N GLN F 20 -17.26 -0.81 10.50
CA GLN F 20 -17.71 0.57 10.27
C GLN F 20 -16.56 1.42 9.71
N ARG F 21 -15.35 1.18 10.17
CA ARG F 21 -14.19 1.95 9.68
C ARG F 21 -13.62 1.34 8.40
N ARG F 22 -14.23 0.30 7.84
CA ARG F 22 -13.82 -0.24 6.57
C ARG F 22 -12.42 -0.84 6.61
N LEU F 23 -12.08 -1.57 7.68
CA LEU F 23 -10.78 -2.19 7.83
C LEU F 23 -10.84 -3.73 7.71
N VAL F 24 -11.96 -4.30 7.22
CA VAL F 24 -12.06 -5.75 7.12
C VAL F 24 -10.99 -6.29 6.16
N GLY F 25 -10.92 -5.76 4.93
CA GLY F 25 -9.92 -6.14 3.95
C GLY F 25 -8.50 -6.02 4.49
N GLU F 26 -8.22 -4.88 5.09
CA GLU F 26 -6.93 -4.59 5.67
C GLU F 26 -6.52 -5.67 6.66
N ILE F 27 -7.46 -6.05 7.52
CA ILE F 27 -7.17 -7.04 8.55
C ILE F 27 -6.95 -8.41 7.92
N VAL F 28 -7.85 -8.79 7.02
CA VAL F 28 -7.72 -10.10 6.38
C VAL F 28 -6.38 -10.19 5.66
N ARG F 29 -6.02 -9.12 4.95
CA ARG F 29 -4.79 -9.09 4.15
C ARG F 29 -3.57 -9.32 5.02
N ARG F 30 -3.57 -8.81 6.25
CA ARG F 30 -2.42 -9.07 7.12
C ARG F 30 -2.24 -10.55 7.50
N PHE F 31 -3.34 -11.27 7.72
CA PHE F 31 -3.23 -12.70 7.99
C PHE F 31 -2.87 -13.49 6.75
N GLU F 32 -3.40 -13.06 5.61
CA GLU F 32 -3.09 -13.70 4.35
C GLU F 32 -1.59 -13.56 4.04
N ARG F 33 -1.05 -12.36 4.24
CA ARG F 33 0.31 -12.13 3.82
C ARG F 33 1.26 -12.85 4.77
N LYS F 34 0.82 -13.08 6.00
CA LYS F 34 1.63 -13.77 6.98
C LYS F 34 1.78 -15.26 6.65
N GLY F 35 0.84 -15.79 5.86
CA GLY F 35 0.89 -17.18 5.45
C GLY F 35 -0.18 -18.07 6.07
N PHE F 36 -1.05 -17.53 6.90
CA PHE F 36 -2.04 -18.41 7.54
C PHE F 36 -3.12 -18.76 6.54
N LYS F 37 -3.78 -19.88 6.82
CA LYS F 37 -4.82 -20.41 5.95
C LYS F 37 -6.19 -20.06 6.50
N LEU F 38 -7.01 -19.40 5.66
CA LEU F 38 -8.37 -19.05 6.04
C LEU F 38 -9.24 -20.28 5.87
N VAL F 39 -9.83 -20.75 6.98
CA VAL F 39 -10.63 -21.97 6.91
C VAL F 39 -12.11 -21.70 7.23
N ALA F 40 -12.47 -20.52 7.75
CA ALA F 40 -13.87 -20.13 7.86
C ALA F 40 -14.00 -18.61 7.92
N LEU F 41 -15.13 -18.10 7.44
CA LEU F 41 -15.37 -16.67 7.35
C LEU F 41 -16.87 -16.45 7.22
N LYS F 42 -17.42 -15.53 8.03
CA LYS F 42 -18.76 -15.05 7.77
C LYS F 42 -19.01 -13.71 8.47
N LEU F 43 -19.90 -12.93 7.86
CA LEU F 43 -20.43 -11.73 8.48
C LEU F 43 -21.69 -12.13 9.22
N VAL F 44 -21.72 -11.87 10.54
CA VAL F 44 -22.85 -12.20 11.38
C VAL F 44 -23.14 -11.06 12.35
N GLN F 45 -24.38 -11.09 12.84
CA GLN F 45 -24.81 -10.26 13.95
C GLN F 45 -24.91 -11.21 15.14
N ALA F 46 -23.97 -11.13 16.08
CA ALA F 46 -23.96 -12.05 17.19
C ALA F 46 -25.02 -11.67 18.22
N SER F 47 -25.70 -12.68 18.80
CA SER F 47 -26.66 -12.46 19.85
C SER F 47 -25.92 -12.17 21.16
N GLU F 48 -26.62 -11.50 22.07
CA GLU F 48 -26.12 -11.31 23.41
C GLU F 48 -25.89 -12.64 24.10
N GLU F 49 -26.76 -13.62 23.84
CA GLU F 49 -26.61 -14.95 24.45
C GLU F 49 -25.26 -15.57 24.06
N LEU F 50 -24.94 -15.55 22.75
CA LEU F 50 -23.65 -16.07 22.28
C LEU F 50 -22.51 -15.29 22.93
N LEU F 51 -22.63 -13.96 22.96
CA LEU F 51 -21.52 -13.15 23.40
C LEU F 51 -21.27 -13.34 24.90
N ARG F 52 -22.33 -13.53 25.69
CA ARG F 52 -22.15 -13.70 27.13
C ARG F 52 -21.34 -14.97 27.40
N GLU F 53 -21.52 -16.01 26.57
CA GLU F 53 -20.75 -17.23 26.71
C GLU F 53 -19.37 -17.08 26.11
N HIS F 54 -19.27 -16.41 24.96
CA HIS F 54 -17.96 -16.11 24.39
C HIS F 54 -17.07 -15.45 25.45
N TYR F 55 -17.63 -14.48 26.21
CA TYR F 55 -16.86 -13.73 27.17
C TYR F 55 -17.14 -14.19 28.60
N ALA F 56 -17.49 -15.47 28.80
CA ALA F 56 -17.86 -15.97 30.12
C ALA F 56 -16.77 -15.70 31.15
N GLU F 57 -15.51 -15.79 30.76
CA GLU F 57 -14.43 -15.63 31.72
C GLU F 57 -14.29 -14.18 32.17
N LEU F 58 -14.96 -13.26 31.49
CA LEU F 58 -14.89 -11.84 31.83
C LEU F 58 -16.13 -11.39 32.59
N ARG F 59 -16.97 -12.32 33.05
CA ARG F 59 -18.32 -12.02 33.53
C ARG F 59 -18.29 -11.15 34.77
N GLU F 60 -17.26 -11.27 35.62
CA GLU F 60 -17.21 -10.49 36.87
C GLU F 60 -16.57 -9.11 36.64
N ARG F 61 -16.10 -8.83 35.41
CA ARG F 61 -15.34 -7.60 35.17
C ARG F 61 -16.27 -6.45 34.83
N PRO F 62 -15.90 -5.18 35.14
CA PRO F 62 -16.84 -4.07 35.03
C PRO F 62 -17.19 -3.68 33.59
N PHE F 63 -16.34 -4.04 32.62
CA PHE F 63 -16.58 -3.74 31.21
C PHE F 63 -17.43 -4.83 30.52
N TYR F 64 -17.72 -5.95 31.20
CA TYR F 64 -18.41 -7.09 30.60
C TYR F 64 -19.73 -6.67 29.96
N GLY F 65 -20.59 -6.00 30.73
CA GLY F 65 -21.89 -5.58 30.25
C GLY F 65 -21.79 -4.74 28.98
N ARG F 66 -20.90 -3.75 28.98
CA ARG F 66 -20.78 -2.84 27.85
C ARG F 66 -20.14 -3.55 26.67
N LEU F 67 -19.18 -4.43 26.96
CA LEU F 67 -18.55 -5.21 25.90
C LEU F 67 -19.56 -6.09 25.18
N VAL F 68 -20.42 -6.78 25.94
CA VAL F 68 -21.43 -7.63 25.36
C VAL F 68 -22.39 -6.80 24.51
N LYS F 69 -22.86 -5.67 25.05
CA LYS F 69 -23.80 -4.84 24.33
C LYS F 69 -23.17 -4.29 23.05
N TYR F 70 -21.93 -3.84 23.16
CA TYR F 70 -21.25 -3.29 22.00
C TYR F 70 -21.10 -4.35 20.91
N MET F 71 -20.62 -5.54 21.27
CA MET F 71 -20.36 -6.57 20.27
C MET F 71 -21.67 -7.06 19.62
N ALA F 72 -22.79 -6.86 20.31
CA ALA F 72 -24.10 -7.22 19.77
C ALA F 72 -24.70 -6.06 19.00
N SER F 73 -24.05 -4.89 18.96
CA SER F 73 -24.68 -3.68 18.46
C SER F 73 -24.65 -3.61 16.93
N GLY F 74 -23.83 -4.43 16.28
CA GLY F 74 -23.63 -4.31 14.85
C GLY F 74 -22.90 -5.53 14.30
N PRO F 75 -22.75 -5.69 12.98
CA PRO F 75 -22.11 -6.87 12.41
C PRO F 75 -20.66 -7.03 12.84
N VAL F 76 -20.27 -8.29 13.01
CA VAL F 76 -18.89 -8.68 13.15
C VAL F 76 -18.53 -9.65 12.03
N VAL F 77 -17.22 -9.75 11.75
CA VAL F 77 -16.70 -10.68 10.78
C VAL F 77 -15.95 -11.75 11.56
N ALA F 78 -16.56 -12.94 11.58
CA ALA F 78 -16.03 -14.08 12.29
C ALA F 78 -15.14 -14.89 11.34
N MET F 79 -14.04 -15.42 11.87
CA MET F 79 -13.05 -16.08 11.06
C MET F 79 -12.35 -17.15 11.85
N VAL F 80 -11.86 -18.16 11.10
CA VAL F 80 -10.93 -19.13 11.62
C VAL F 80 -9.72 -19.19 10.71
N TRP F 81 -8.54 -19.15 11.32
CA TRP F 81 -7.26 -19.19 10.62
C TRP F 81 -6.46 -20.37 11.14
N GLN F 82 -5.74 -21.00 10.21
CA GLN F 82 -4.95 -22.18 10.52
C GLN F 82 -3.48 -21.99 10.17
N GLY F 83 -2.61 -22.49 11.07
CA GLY F 83 -1.18 -22.60 10.82
C GLY F 83 -0.40 -22.80 12.11
N LEU F 84 0.92 -23.01 11.96
CA LEU F 84 1.80 -23.24 13.09
C LEU F 84 1.76 -22.06 14.04
N ASP F 85 1.43 -22.33 15.31
CA ASP F 85 1.51 -21.32 16.35
C ASP F 85 0.55 -20.17 16.07
N VAL F 86 -0.52 -20.44 15.30
CA VAL F 86 -1.41 -19.38 14.84
C VAL F 86 -2.04 -18.59 15.99
N VAL F 87 -2.31 -19.23 17.15
CA VAL F 87 -2.98 -18.51 18.25
C VAL F 87 -2.03 -17.42 18.79
N ARG F 88 -0.84 -17.82 19.19
CA ARG F 88 0.14 -16.92 19.77
C ARG F 88 0.56 -15.85 18.75
N THR F 89 0.78 -16.25 17.50
CA THR F 89 1.24 -15.35 16.47
C THR F 89 0.16 -14.32 16.11
N SER F 90 -1.09 -14.77 15.99
CA SER F 90 -2.23 -13.89 15.79
C SER F 90 -2.27 -12.80 16.85
N ARG F 91 -2.05 -13.19 18.11
CA ARG F 91 -2.13 -12.23 19.18
C ARG F 91 -1.01 -11.20 18.99
N ALA F 92 0.18 -11.65 18.57
CA ALA F 92 1.28 -10.73 18.32
C ALA F 92 0.93 -9.77 17.18
N LEU F 93 0.33 -10.28 16.10
CA LEU F 93 0.03 -9.40 14.98
C LEU F 93 -1.01 -8.36 15.39
N ILE F 94 -1.97 -8.77 16.24
CA ILE F 94 -3.02 -7.89 16.69
C ILE F 94 -2.48 -6.80 17.59
N GLY F 95 -1.59 -7.19 18.52
CA GLY F 95 -1.04 -6.28 19.50
C GLY F 95 -1.79 -6.31 20.82
N ALA F 96 -1.21 -5.64 21.83
CA ALA F 96 -1.75 -5.61 23.17
C ALA F 96 -3.22 -5.17 23.19
N THR F 97 -3.94 -5.65 24.21
CA THR F 97 -5.35 -5.36 24.41
C THR F 97 -5.59 -3.87 24.37
N ASN F 98 -4.83 -3.15 25.20
CA ASN F 98 -4.88 -1.70 25.21
C ASN F 98 -3.99 -1.17 24.08
N PRO F 99 -4.57 -0.52 23.05
CA PRO F 99 -3.80 -0.06 21.91
C PRO F 99 -2.65 0.87 22.28
N ALA F 100 -2.72 1.53 23.44
CA ALA F 100 -1.64 2.38 23.88
C ALA F 100 -0.36 1.58 24.12
N ASP F 101 -0.47 0.28 24.39
CA ASP F 101 0.67 -0.57 24.63
C ASP F 101 1.02 -1.41 23.41
N ALA F 102 0.29 -1.24 22.30
CA ALA F 102 0.53 -2.02 21.09
C ALA F 102 1.49 -1.26 20.19
N PRO F 103 2.68 -1.78 19.86
CA PRO F 103 3.61 -1.02 19.04
C PRO F 103 3.11 -0.86 17.60
N PRO F 104 3.60 0.18 16.91
CA PRO F 104 3.37 0.32 15.48
C PRO F 104 3.84 -0.96 14.77
N GLY F 105 3.15 -1.31 13.69
CA GLY F 105 3.31 -2.58 13.00
C GLY F 105 2.21 -3.58 13.32
N THR F 106 1.68 -3.53 14.54
CA THR F 106 0.52 -4.34 14.93
C THR F 106 -0.77 -3.67 14.44
N ILE F 107 -1.84 -4.47 14.41
CA ILE F 107 -3.12 -3.96 13.96
C ILE F 107 -3.57 -2.84 14.89
N ARG F 108 -3.51 -3.06 16.21
CA ARG F 108 -4.02 -2.05 17.13
C ARG F 108 -3.06 -0.86 17.20
N GLY F 109 -1.77 -1.16 17.09
CA GLY F 109 -0.72 -0.16 17.08
C GLY F 109 -0.88 0.83 15.93
N ASP F 110 -1.30 0.32 14.77
CA ASP F 110 -1.47 1.13 13.59
C ASP F 110 -2.83 1.81 13.48
N PHE F 111 -3.90 1.21 14.02
CA PHE F 111 -5.27 1.59 13.66
C PHE F 111 -6.17 2.00 14.83
N CYS F 112 -5.74 1.89 16.09
CA CYS F 112 -6.63 2.14 17.22
C CYS F 112 -5.99 2.92 18.32
N ILE F 113 -6.88 3.46 19.16
CA ILE F 113 -6.50 4.36 20.24
C ILE F 113 -6.95 3.80 21.58
N GLU F 114 -8.20 3.31 21.68
CA GLU F 114 -8.77 3.07 23.00
C GLU F 114 -9.16 1.60 23.15
N VAL F 115 -9.09 1.11 24.39
CA VAL F 115 -9.24 -0.32 24.67
C VAL F 115 -10.63 -0.84 24.26
N GLY F 116 -11.66 0.01 24.34
CA GLY F 116 -13.02 -0.42 24.04
C GLY F 116 -13.31 -0.41 22.54
N LYS F 117 -12.40 0.20 21.78
CA LYS F 117 -12.52 0.26 20.32
C LYS F 117 -11.22 -0.23 19.71
N ASN F 118 -10.98 -1.52 19.83
CA ASN F 118 -9.70 -2.11 19.52
C ASN F 118 -9.82 -3.17 18.42
N LEU F 119 -10.87 -3.02 17.60
CA LEU F 119 -10.98 -3.50 16.23
C LEU F 119 -11.28 -5.00 16.10
N ILE F 120 -10.66 -5.83 16.95
CA ILE F 120 -10.60 -7.24 16.66
C ILE F 120 -10.54 -8.04 17.96
N HIS F 121 -11.09 -9.26 17.91
CA HIS F 121 -10.91 -10.26 18.96
C HIS F 121 -10.06 -11.39 18.40
N GLY F 122 -9.12 -11.90 19.22
CA GLY F 122 -8.45 -13.15 18.92
C GLY F 122 -8.39 -14.05 20.14
N SER F 123 -8.56 -15.38 19.93
CA SER F 123 -8.46 -16.32 21.03
C SER F 123 -7.14 -16.11 21.76
N ASP F 124 -7.12 -16.31 23.07
CA ASP F 124 -5.94 -16.09 23.86
C ASP F 124 -5.16 -17.38 24.15
N SER F 125 -5.66 -18.54 23.70
CA SER F 125 -5.02 -19.82 23.94
C SER F 125 -5.62 -20.87 23.00
N VAL F 126 -4.94 -21.99 22.86
CA VAL F 126 -5.45 -23.10 22.08
C VAL F 126 -6.80 -23.56 22.66
N GLU F 127 -6.92 -23.63 23.98
CA GLU F 127 -8.17 -24.06 24.60
C GLU F 127 -9.29 -23.05 24.33
N SER F 128 -9.00 -21.74 24.43
CA SER F 128 -9.99 -20.72 24.12
C SER F 128 -10.43 -20.83 22.67
N ALA F 129 -9.47 -21.08 21.77
CA ALA F 129 -9.79 -21.16 20.35
C ALA F 129 -10.71 -22.36 20.08
N ARG F 130 -10.41 -23.50 20.69
CA ARG F 130 -11.26 -24.68 20.54
C ARG F 130 -12.71 -24.35 20.89
N ARG F 131 -12.91 -23.70 22.03
CA ARG F 131 -14.24 -23.37 22.48
C ARG F 131 -14.89 -22.39 21.51
N GLU F 132 -14.15 -21.33 21.11
CA GLU F 132 -14.73 -20.24 20.38
C GLU F 132 -15.07 -20.74 18.97
N ILE F 133 -14.22 -21.58 18.40
CA ILE F 133 -14.50 -22.07 17.05
C ILE F 133 -15.80 -22.87 17.04
N ALA F 134 -15.96 -23.73 18.03
CA ALA F 134 -17.16 -24.57 18.17
C ALA F 134 -18.42 -23.72 18.44
N LEU F 135 -18.24 -22.65 19.19
CA LEU F 135 -19.35 -21.81 19.59
C LEU F 135 -19.86 -20.99 18.40
N TRP F 136 -18.95 -20.53 17.52
CA TRP F 136 -19.32 -19.64 16.45
C TRP F 136 -19.59 -20.36 15.13
N PHE F 137 -18.96 -21.53 14.90
CA PHE F 137 -19.05 -22.20 13.61
C PHE F 137 -19.40 -23.69 13.76
N ARG F 138 -20.21 -24.18 12.82
CA ARG F 138 -20.43 -25.61 12.65
C ARG F 138 -19.23 -26.23 11.98
N ALA F 139 -19.04 -27.54 12.17
CA ALA F 139 -17.97 -28.27 11.50
C ALA F 139 -18.05 -28.07 9.99
N ASP F 140 -19.26 -28.01 9.40
CA ASP F 140 -19.35 -27.94 7.96
C ASP F 140 -19.11 -26.52 7.43
N GLU F 141 -18.81 -25.56 8.31
CA GLU F 141 -18.41 -24.22 7.88
C GLU F 141 -16.89 -24.07 7.87
N LEU F 142 -16.16 -25.06 8.42
CA LEU F 142 -14.70 -25.04 8.43
C LEU F 142 -14.24 -25.85 7.23
N LEU F 143 -13.54 -25.21 6.29
CA LEU F 143 -13.22 -25.85 5.02
C LEU F 143 -11.78 -26.36 5.00
N CYS F 144 -11.61 -27.61 4.56
CA CYS F 144 -10.30 -28.18 4.25
C CYS F 144 -10.05 -27.90 2.78
N TRP F 145 -8.96 -27.24 2.49
CA TRP F 145 -8.58 -27.08 1.10
C TRP F 145 -7.09 -27.26 0.98
N GLU F 146 -6.67 -27.72 -0.19
CA GLU F 146 -5.27 -27.99 -0.45
C GLU F 146 -4.58 -26.66 -0.75
N ASP F 147 -3.70 -26.25 0.15
CA ASP F 147 -3.08 -24.93 0.11
C ASP F 147 -1.77 -24.98 -0.67
N SER F 148 -1.78 -24.53 -1.92
CA SER F 148 -0.58 -24.53 -2.74
C SER F 148 0.53 -23.58 -2.21
N ALA F 149 0.21 -22.65 -1.31
CA ALA F 149 1.22 -21.77 -0.73
C ALA F 149 2.02 -22.50 0.36
N GLY F 150 1.42 -23.55 0.95
CA GLY F 150 1.96 -24.25 2.10
C GLY F 150 3.39 -24.74 1.89
N HIS F 151 3.71 -25.21 0.67
CA HIS F 151 5.04 -25.65 0.31
C HIS F 151 6.09 -24.53 0.54
N TRP F 152 5.68 -23.24 0.46
CA TRP F 152 6.62 -22.13 0.58
C TRP F 152 6.62 -21.50 1.97
N LEU F 153 5.71 -21.97 2.86
CA LEU F 153 5.63 -21.51 4.24
C LEU F 153 6.19 -22.50 5.26
N TYR F 154 6.20 -23.81 4.92
CA TYR F 154 6.57 -24.87 5.83
C TYR F 154 7.68 -25.71 5.20
N GLU F 155 8.56 -26.30 6.01
CA GLU F 155 9.55 -27.23 5.49
C GLU F 155 8.84 -28.57 5.24
#